data_4XHP
#
_entry.id   4XHP
#
_cell.length_a   55.306
_cell.length_b   97.275
_cell.length_c   87.898
_cell.angle_alpha   90.000
_cell.angle_beta   98.820
_cell.angle_gamma   90.000
#
_symmetry.space_group_name_H-M   'P 1 21 1'
#
loop_
_entity.id
_entity.type
_entity.pdbx_description
1 polymer 'ParM hybrid fusion protein'
2 non-polymer 'MAGNESIUM ION'
3 non-polymer "ADENOSINE-5'-DIPHOSPHATE"
#
_entity_poly.entity_id   1
_entity_poly.type   'polypeptide(L)'
_entity_poly.pdbx_seq_one_letter_code
;MVEQMLSKNMLLGGFDTGNIKAKISFLNEKGNIESFAIPTVIAEAPPAKIDLKSAPSKKNDYVNEKDEDIELLHVRIISN
SLDGDARSRAWYVGAYAKDQEDRQEPTVDEMGKTEDKFSQKNKKLHLIPLFTSMAVAAARIGKEEVSVPFSGGMPIEDYK
LRGEEQILEMLYGEHTVEFLDGTYEGKKIKITINDGTMNVEGVSSVLAILFDIVNGEIVEVEGMDAEIGESYAINDLGAG
TSDNAFFEDGELNKKLSTNTDLGTNKYIDEILKNIKERFMENEILKSDDTDEIESPFKTREDFIQRLVMPEVEKMIEDDT
YKPTFSVKWGDVKENVTDIVMDGMLKYAEDQKASLMKFWFKTNADKNIVVGGGVLFGYAGLRDLKEQDGFILPKNIQESA
YFTSRSYLIANLLEQLNKEGVEAGSGSGSGSGSGSGSGSGSGSMVEQMLSKNMLLGGFDTGNIKAKISFLNEKGNIESFA
IPTVIAEAPPAKIDLKSAPSKKNDYVNEKDEDIELLHVRIISNSLDGDARSRAWYVGAYAKDQEDRQEPTVDEMGKTEDK
FSQKNKKLHLIPLFTSMAVAAARIGKEEVSVPFSGGMPIEDYKLRGEEQILEMLYGEHTVEFLDGTYEGKKIKITINDGT
MNVEGVSSVLAILFDIVNGEIVEVEGMDAEIGESYAINDLGAGTSDNAFFEDGELNKKLSTNTDLGTNKYIDEILKNIKE
RFMENEILKSFMTDEIESPFKTREDFIQRLVMPEVEKMIEDDTYKPTFSVKWGPVKENVTDIVMDGMLKYAEDQKASLDK
FWDKTNADKNIVVGGGVLFGYAGLRDLKEQDGFILPKNIQESAYFTSRSYLIANLLEQLNKEGVEA
;
_entity_poly.pdbx_strand_id   A
#
loop_
_chem_comp.id
_chem_comp.type
_chem_comp.name
_chem_comp.formula
ADP non-polymer ADENOSINE-5'-DIPHOSPHATE 'C10 H15 N5 O10 P2'
MG non-polymer 'MAGNESIUM ION' 'Mg 2'
#
# COMPACT_ATOMS: atom_id res chain seq x y z
N GLN A 4 4.80 -13.06 -31.64
CA GLN A 4 4.07 -11.87 -32.03
C GLN A 4 2.58 -12.01 -31.78
N MET A 5 1.84 -12.40 -32.82
CA MET A 5 0.37 -12.42 -32.81
C MET A 5 -0.30 -13.65 -32.21
N LEU A 6 -1.09 -13.40 -31.17
CA LEU A 6 -1.74 -14.43 -30.40
C LEU A 6 -3.02 -14.83 -31.04
N SER A 7 -3.29 -14.35 -32.24
CA SER A 7 -4.61 -14.48 -32.81
C SER A 7 -4.63 -15.16 -34.16
N LYS A 8 -4.97 -16.45 -34.25
CA LYS A 8 -5.27 -17.38 -33.14
C LYS A 8 -6.57 -17.14 -32.39
N ASN A 9 -7.28 -16.08 -32.75
CA ASN A 9 -8.65 -15.91 -32.32
C ASN A 9 -8.77 -15.46 -30.88
N MET A 10 -7.91 -14.56 -30.46
CA MET A 10 -7.92 -14.04 -29.10
C MET A 10 -8.23 -12.55 -29.12
N LEU A 11 -9.22 -12.14 -28.33
CA LEU A 11 -9.56 -10.73 -28.20
C LEU A 11 -8.93 -10.14 -26.94
N LEU A 12 -7.87 -9.37 -27.13
CA LEU A 12 -7.18 -8.75 -26.01
C LEU A 12 -7.85 -7.43 -25.63
N GLY A 13 -8.42 -7.38 -24.43
CA GLY A 13 -9.14 -6.21 -24.00
C GLY A 13 -9.01 -5.89 -22.52
N GLY A 14 -9.16 -4.61 -22.20
CA GLY A 14 -9.22 -4.16 -20.82
C GLY A 14 -10.62 -3.65 -20.55
N PHE A 15 -11.20 -4.04 -19.42
CA PHE A 15 -12.60 -3.75 -19.14
C PHE A 15 -12.79 -3.04 -17.80
N ASP A 16 -13.32 -1.82 -17.85
CA ASP A 16 -13.62 -1.08 -16.63
C ASP A 16 -15.12 -0.94 -16.45
N THR A 17 -15.71 -1.87 -15.71
CA THR A 17 -17.15 -1.87 -15.46
C THR A 17 -17.49 -1.07 -14.21
N GLY A 18 -18.24 0.01 -14.40
CA GLY A 18 -18.68 0.84 -13.29
C GLY A 18 -20.19 0.83 -13.16
N ASN A 19 -20.73 1.75 -12.37
CA ASN A 19 -22.16 1.82 -12.14
C ASN A 19 -22.90 2.60 -13.23
N ILE A 20 -22.18 3.34 -14.07
CA ILE A 20 -22.84 4.18 -15.05
C ILE A 20 -22.40 3.89 -16.50
N LYS A 21 -21.13 3.56 -16.71
CA LYS A 21 -20.65 3.21 -18.04
C LYS A 21 -19.77 1.97 -18.01
N ALA A 22 -19.63 1.32 -19.15
CA ALA A 22 -18.76 0.16 -19.28
C ALA A 22 -17.64 0.45 -20.27
N LYS A 23 -16.49 0.89 -19.76
CA LYS A 23 -15.38 1.28 -20.61
C LYS A 23 -14.54 0.08 -21.02
N ILE A 24 -14.16 0.04 -22.29
CA ILE A 24 -13.39 -1.07 -22.83
C ILE A 24 -12.26 -0.60 -23.75
N SER A 25 -11.07 -1.10 -23.52
CA SER A 25 -9.93 -0.84 -24.40
C SER A 25 -9.43 -2.15 -24.98
N PHE A 26 -9.35 -2.23 -26.31
CA PHE A 26 -8.95 -3.48 -26.95
C PHE A 26 -8.02 -3.27 -28.14
N LEU A 27 -7.20 -4.28 -28.39
CA LEU A 27 -6.39 -4.33 -29.60
C LEU A 27 -7.27 -4.76 -30.76
N ASN A 28 -7.44 -3.90 -31.75
CA ASN A 28 -8.21 -4.30 -32.93
C ASN A 28 -7.29 -4.89 -34.00
N GLU A 29 -7.70 -4.81 -35.26
CA GLU A 29 -6.95 -5.41 -36.35
C GLU A 29 -5.53 -4.85 -36.51
N LYS A 30 -5.32 -3.63 -36.02
CA LYS A 30 -4.13 -2.88 -36.36
C LYS A 30 -2.94 -3.00 -35.41
N GLY A 31 -3.23 -3.21 -34.12
CA GLY A 31 -2.18 -3.46 -33.16
C GLY A 31 -2.09 -2.38 -32.12
N ASN A 32 -2.86 -1.33 -32.38
CA ASN A 32 -3.00 -0.17 -31.49
C ASN A 32 -4.17 -0.37 -30.55
N ILE A 33 -4.73 0.70 -30.00
CA ILE A 33 -5.83 0.56 -29.05
C ILE A 33 -7.09 1.30 -29.49
N GLU A 34 -8.21 0.60 -29.47
CA GLU A 34 -9.51 1.21 -29.71
C GLU A 34 -10.31 1.17 -28.43
N SER A 35 -11.17 2.16 -28.21
CA SER A 35 -11.93 2.24 -26.97
C SER A 35 -13.30 2.88 -27.13
N PHE A 36 -14.29 2.32 -26.45
CA PHE A 36 -15.63 2.88 -26.42
C PHE A 36 -16.32 2.56 -25.09
N ALA A 37 -17.52 3.10 -24.90
CA ALA A 37 -18.22 2.91 -23.64
C ALA A 37 -19.71 2.64 -23.83
N ILE A 38 -20.21 1.65 -23.09
CA ILE A 38 -21.63 1.32 -23.12
C ILE A 38 -22.24 1.54 -21.75
N PRO A 39 -23.21 2.47 -21.65
CA PRO A 39 -23.83 2.76 -20.36
C PRO A 39 -24.46 1.47 -19.83
N THR A 40 -24.41 1.29 -18.52
CA THR A 40 -24.91 0.10 -17.86
C THR A 40 -26.41 0.36 -17.89
N VAL A 41 -27.08 -0.14 -18.93
CA VAL A 41 -28.52 0.04 -19.08
C VAL A 41 -28.99 -1.14 -19.94
N ILE A 42 -29.99 -1.86 -19.46
CA ILE A 42 -30.62 -2.92 -20.24
C ILE A 42 -32.14 -2.83 -20.21
N ALA A 43 -32.78 -3.07 -21.35
CA ALA A 43 -34.22 -3.04 -21.45
C ALA A 43 -34.83 -4.20 -22.25
N GLU A 44 -35.84 -4.83 -21.67
CA GLU A 44 -36.50 -5.99 -22.26
C GLU A 44 -36.96 -5.69 -23.69
N ALA A 45 -36.68 -6.61 -24.60
CA ALA A 45 -36.92 -6.38 -26.03
C ALA A 45 -37.66 -7.52 -26.68
N PRO A 46 -38.41 -7.23 -27.76
CA PRO A 46 -39.04 -8.26 -28.59
C PRO A 46 -38.00 -9.17 -29.24
N PRO A 47 -38.29 -10.47 -29.31
CA PRO A 47 -37.35 -11.48 -29.82
C PRO A 47 -36.92 -11.26 -31.27
N ALA A 48 -37.64 -10.37 -31.97
CA ALA A 48 -37.25 -9.99 -33.33
C ALA A 48 -37.18 -8.47 -33.45
N LYS A 49 -36.60 -7.99 -34.52
CA LYS A 49 -36.45 -6.55 -34.75
C LYS A 49 -37.80 -5.85 -34.85
N ILE A 50 -37.87 -4.62 -34.38
CA ILE A 50 -39.08 -3.81 -34.48
C ILE A 50 -38.76 -2.40 -34.98
N LYS A 66 -18.23 7.73 -36.45
CA LYS A 66 -17.53 6.69 -35.72
C LYS A 66 -18.27 6.39 -34.41
N ASP A 67 -17.89 5.28 -33.75
CA ASP A 67 -18.62 4.74 -32.61
C ASP A 67 -20.08 4.52 -33.00
N GLU A 68 -20.27 4.07 -34.24
CA GLU A 68 -21.58 3.77 -34.79
C GLU A 68 -22.25 2.60 -34.07
N ASP A 69 -21.41 1.75 -33.47
CA ASP A 69 -21.85 0.47 -32.96
C ASP A 69 -22.74 0.59 -31.71
N ILE A 70 -22.31 1.43 -30.76
CA ILE A 70 -23.02 1.57 -29.50
C ILE A 70 -24.28 2.44 -29.62
N GLU A 71 -24.55 2.88 -30.84
CA GLU A 71 -25.67 3.77 -31.11
C GLU A 71 -27.01 3.06 -30.97
N LEU A 72 -27.03 1.77 -31.30
CA LEU A 72 -28.24 0.97 -31.22
C LEU A 72 -27.89 -0.49 -30.97
N LEU A 73 -28.09 -0.95 -29.74
CA LEU A 73 -27.75 -2.32 -29.38
C LEU A 73 -28.99 -3.12 -28.97
N HIS A 74 -29.48 -3.93 -29.91
CA HIS A 74 -30.60 -4.83 -29.66
C HIS A 74 -30.11 -6.26 -29.80
N VAL A 75 -29.82 -6.91 -28.68
CA VAL A 75 -29.19 -8.23 -28.72
C VAL A 75 -29.94 -9.31 -27.95
N ARG A 76 -29.74 -10.54 -28.39
CA ARG A 76 -30.19 -11.72 -27.67
C ARG A 76 -28.95 -12.48 -27.19
N ILE A 77 -28.85 -12.68 -25.88
CA ILE A 77 -27.65 -13.29 -25.31
C ILE A 77 -27.90 -14.68 -24.75
N ILE A 78 -27.16 -15.66 -25.27
CA ILE A 78 -27.22 -17.02 -24.78
C ILE A 78 -25.99 -17.32 -23.92
N SER A 79 -26.04 -16.90 -22.67
CA SER A 79 -24.92 -17.07 -21.76
C SER A 79 -25.25 -18.03 -20.62
N ASN A 80 -24.28 -18.87 -20.26
CA ASN A 80 -24.43 -19.74 -19.10
C ASN A 80 -24.03 -19.01 -17.83
N SER A 81 -23.60 -17.77 -17.97
CA SER A 81 -23.39 -16.91 -16.82
C SER A 81 -24.59 -16.05 -16.65
N LEU A 82 -25.72 -16.46 -17.18
CA LEU A 82 -26.90 -15.63 -17.16
C LEU A 82 -28.01 -16.27 -16.38
N ASP A 83 -28.94 -15.45 -15.97
CA ASP A 83 -30.02 -15.80 -15.08
C ASP A 83 -30.92 -16.88 -15.63
N GLY A 84 -30.62 -17.39 -16.81
CA GLY A 84 -31.52 -18.35 -17.42
C GLY A 84 -32.71 -17.54 -17.90
N ASP A 85 -33.43 -16.92 -16.99
CA ASP A 85 -34.42 -15.91 -17.37
C ASP A 85 -34.03 -14.86 -18.39
N ALA A 86 -33.08 -14.01 -18.09
CA ALA A 86 -32.42 -13.43 -19.25
C ALA A 86 -31.57 -14.46 -19.99
N ARG A 87 -31.72 -15.72 -19.59
CA ARG A 87 -31.01 -16.90 -20.12
C ARG A 87 -30.83 -16.82 -21.64
N SER A 88 -31.96 -16.77 -22.35
CA SER A 88 -31.94 -16.60 -23.80
C SER A 88 -33.20 -15.81 -24.14
N ARG A 89 -33.15 -14.51 -23.92
CA ARG A 89 -34.26 -13.62 -24.25
C ARG A 89 -33.64 -12.30 -24.72
N ALA A 90 -34.46 -11.43 -25.30
CA ALA A 90 -33.95 -10.24 -25.98
C ALA A 90 -33.88 -9.01 -25.06
N TRP A 91 -32.88 -8.18 -25.29
CA TRP A 91 -32.67 -6.96 -24.51
C TRP A 91 -32.24 -5.78 -25.38
N TYR A 92 -32.64 -4.57 -24.96
CA TYR A 92 -32.00 -3.36 -25.45
C TYR A 92 -30.79 -3.11 -24.57
N VAL A 93 -29.67 -2.70 -25.16
CA VAL A 93 -28.44 -2.50 -24.39
C VAL A 93 -27.81 -1.13 -24.65
N GLY A 94 -27.44 -0.45 -23.57
CA GLY A 94 -26.65 0.76 -23.68
C GLY A 94 -27.43 2.06 -23.83
N ALA A 95 -26.89 2.96 -24.64
CA ALA A 95 -27.44 4.30 -24.82
C ALA A 95 -28.78 4.30 -25.54
N TYR A 96 -29.17 3.12 -25.99
CA TYR A 96 -30.45 2.91 -26.67
C TYR A 96 -31.46 2.43 -25.65
N ALA A 97 -30.99 1.65 -24.68
CA ALA A 97 -31.84 1.22 -23.58
C ALA A 97 -32.23 2.42 -22.74
N LYS A 98 -31.42 3.48 -22.79
CA LYS A 98 -31.71 4.75 -22.10
C LYS A 98 -33.10 5.31 -22.39
N ASP A 99 -33.55 5.15 -23.64
CA ASP A 99 -34.81 5.73 -24.11
C ASP A 99 -36.01 4.81 -23.90
N GLN A 100 -35.88 3.88 -22.96
CA GLN A 100 -36.98 2.99 -22.62
C GLN A 100 -37.47 3.30 -21.22
N GLU A 101 -38.69 2.90 -20.90
CA GLU A 101 -39.23 3.17 -19.57
C GLU A 101 -39.51 1.90 -18.78
N ASP A 102 -39.03 0.77 -19.31
CA ASP A 102 -38.90 -0.43 -18.51
C ASP A 102 -37.42 -0.62 -18.21
N ARG A 103 -36.68 0.49 -18.28
CA ARG A 103 -35.26 0.53 -17.98
C ARG A 103 -34.85 -0.11 -16.66
N GLN A 104 -33.59 -0.51 -16.60
CA GLN A 104 -32.99 -0.99 -15.37
C GLN A 104 -31.65 -0.31 -15.18
N GLU A 105 -31.52 0.38 -14.04
CA GLU A 105 -30.31 1.12 -13.71
C GLU A 105 -29.92 0.85 -12.26
N PRO A 106 -28.60 0.83 -11.98
CA PRO A 106 -28.05 0.51 -10.66
C PRO A 106 -28.65 1.34 -9.52
N GLN A 120 -25.42 -9.72 -5.57
CA GLN A 120 -25.98 -10.49 -6.67
C GLN A 120 -27.00 -9.67 -7.44
N LYS A 121 -27.69 -8.78 -6.73
CA LYS A 121 -28.81 -8.03 -7.27
C LYS A 121 -28.40 -6.83 -8.12
N ASN A 122 -28.65 -6.89 -9.43
CA ASN A 122 -29.24 -8.07 -10.07
C ASN A 122 -28.26 -8.72 -11.03
N LYS A 123 -27.04 -8.20 -11.06
CA LYS A 123 -25.91 -8.75 -11.83
C LYS A 123 -26.17 -8.84 -13.34
N LYS A 124 -27.39 -9.22 -13.71
CA LYS A 124 -27.85 -9.20 -15.08
C LYS A 124 -27.65 -7.83 -15.71
N LEU A 125 -27.65 -6.80 -14.86
CA LEU A 125 -27.47 -5.43 -15.30
C LEU A 125 -26.03 -5.13 -15.70
N HIS A 126 -25.08 -5.87 -15.15
CA HIS A 126 -23.67 -5.68 -15.46
C HIS A 126 -23.17 -6.63 -16.55
N LEU A 127 -23.58 -7.89 -16.45
CA LEU A 127 -23.08 -8.93 -17.35
C LEU A 127 -23.51 -8.73 -18.80
N ILE A 128 -24.75 -8.28 -18.99
CA ILE A 128 -25.28 -8.11 -20.35
C ILE A 128 -24.57 -7.01 -21.16
N PRO A 129 -24.43 -5.79 -20.59
CA PRO A 129 -23.73 -4.79 -21.42
C PRO A 129 -22.24 -5.08 -21.58
N LEU A 130 -21.68 -5.91 -20.69
CA LEU A 130 -20.29 -6.32 -20.79
C LEU A 130 -20.10 -7.29 -21.96
N PHE A 131 -20.93 -8.32 -22.00
CA PHE A 131 -20.89 -9.30 -23.08
C PHE A 131 -21.10 -8.64 -24.43
N THR A 132 -21.95 -7.62 -24.45
CA THR A 132 -22.23 -6.87 -25.66
C THR A 132 -20.97 -6.18 -26.16
N SER A 133 -20.26 -5.51 -25.25
CA SER A 133 -19.02 -4.81 -25.60
C SER A 133 -18.00 -5.77 -26.20
N MET A 134 -17.92 -6.97 -25.64
CA MET A 134 -17.04 -8.00 -26.18
C MET A 134 -17.47 -8.41 -27.57
N ALA A 135 -18.79 -8.55 -27.76
CA ALA A 135 -19.34 -8.90 -29.06
C ALA A 135 -19.09 -7.79 -30.07
N VAL A 136 -19.34 -6.55 -29.65
CA VAL A 136 -19.11 -5.39 -30.50
C VAL A 136 -17.63 -5.25 -30.84
N ALA A 137 -16.76 -5.47 -29.85
CA ALA A 137 -15.32 -5.39 -30.06
C ALA A 137 -14.86 -6.45 -31.05
N ALA A 138 -15.32 -7.69 -30.85
CA ALA A 138 -14.98 -8.80 -31.73
C ALA A 138 -15.44 -8.53 -33.15
N ALA A 139 -16.62 -7.94 -33.28
CA ALA A 139 -17.19 -7.63 -34.59
C ALA A 139 -16.36 -6.61 -35.33
N ARG A 140 -15.70 -5.71 -34.59
CA ARG A 140 -14.86 -4.68 -35.19
C ARG A 140 -13.62 -5.30 -35.85
N ILE A 141 -13.08 -6.35 -35.24
CA ILE A 141 -11.93 -7.03 -35.81
C ILE A 141 -12.40 -8.16 -36.73
N GLY A 142 -13.71 -8.22 -36.95
CA GLY A 142 -14.28 -9.12 -37.93
C GLY A 142 -14.18 -10.60 -37.58
N LYS A 143 -14.62 -10.95 -36.37
CA LYS A 143 -14.66 -12.34 -35.94
C LYS A 143 -15.96 -12.64 -35.21
N GLU A 144 -16.49 -13.85 -35.40
CA GLU A 144 -17.70 -14.27 -34.70
C GLU A 144 -17.39 -15.29 -33.60
N GLU A 145 -16.15 -15.76 -33.57
CA GLU A 145 -15.68 -16.52 -32.41
C GLU A 145 -14.35 -15.98 -31.92
N VAL A 146 -14.36 -15.48 -30.69
CA VAL A 146 -13.18 -14.91 -30.08
C VAL A 146 -13.00 -15.43 -28.66
N SER A 147 -11.76 -15.70 -28.27
CA SER A 147 -11.46 -16.11 -26.91
C SER A 147 -10.92 -14.92 -26.13
N VAL A 148 -11.59 -14.57 -25.03
CA VAL A 148 -11.23 -13.37 -24.29
C VAL A 148 -10.66 -13.69 -22.91
N PRO A 149 -9.34 -13.57 -22.76
CA PRO A 149 -8.75 -13.56 -21.41
C PRO A 149 -9.18 -12.28 -20.70
N PHE A 150 -10.08 -12.41 -19.73
CA PHE A 150 -10.72 -11.25 -19.13
C PHE A 150 -9.81 -10.48 -18.19
N SER A 151 -9.57 -9.21 -18.52
CA SER A 151 -8.80 -8.34 -17.64
C SER A 151 -9.66 -7.15 -17.19
N GLY A 152 -10.43 -7.37 -16.14
CA GLY A 152 -11.24 -6.30 -15.57
C GLY A 152 -10.59 -5.71 -14.33
N GLY A 153 -11.39 -5.04 -13.53
CA GLY A 153 -10.94 -4.45 -12.28
C GLY A 153 -12.09 -4.33 -11.32
N MET A 154 -11.82 -4.49 -10.03
CA MET A 154 -12.88 -4.39 -9.03
C MET A 154 -12.97 -2.99 -8.45
N PRO A 155 -14.06 -2.28 -8.75
CA PRO A 155 -14.31 -0.93 -8.24
C PRO A 155 -15.10 -0.94 -6.94
N GLY A 163 -13.56 -13.02 -2.59
CA GLY A 163 -12.24 -13.22 -3.17
C GLY A 163 -12.13 -12.57 -4.54
N GLU A 164 -11.35 -13.18 -5.43
CA GLU A 164 -11.23 -12.64 -6.79
C GLU A 164 -10.95 -13.71 -7.85
N GLU A 165 -10.96 -14.99 -7.46
CA GLU A 165 -11.23 -16.04 -8.42
C GLU A 165 -12.73 -16.22 -8.30
N GLN A 166 -13.22 -15.73 -7.16
CA GLN A 166 -14.64 -15.55 -6.91
C GLN A 166 -15.36 -14.81 -8.06
N ILE A 167 -14.77 -13.72 -8.58
CA ILE A 167 -15.37 -12.96 -9.70
C ILE A 167 -15.28 -13.66 -11.06
N LEU A 168 -14.10 -14.17 -11.41
CA LEU A 168 -13.83 -14.65 -12.76
C LEU A 168 -14.68 -15.89 -13.10
N GLU A 169 -15.05 -16.64 -12.08
CA GLU A 169 -15.93 -17.80 -12.26
C GLU A 169 -17.36 -17.37 -12.59
N MET A 170 -17.62 -16.08 -12.44
CA MET A 170 -18.91 -15.52 -12.81
C MET A 170 -18.93 -15.17 -14.29
N LEU A 171 -17.74 -15.14 -14.89
CA LEU A 171 -17.59 -14.74 -16.28
C LEU A 171 -17.10 -15.88 -17.16
N TYR A 172 -16.61 -16.95 -16.53
CA TYR A 172 -16.08 -18.09 -17.28
C TYR A 172 -17.14 -18.76 -18.14
N GLY A 173 -16.69 -19.66 -19.01
CA GLY A 173 -17.59 -20.35 -19.92
C GLY A 173 -17.66 -19.66 -21.27
N GLU A 174 -18.57 -20.12 -22.11
CA GLU A 174 -18.76 -19.51 -23.42
C GLU A 174 -20.13 -18.84 -23.53
N HIS A 175 -20.16 -17.70 -24.21
CA HIS A 175 -21.39 -16.94 -24.34
C HIS A 175 -21.65 -16.58 -25.81
N THR A 176 -22.91 -16.41 -26.16
CA THR A 176 -23.28 -16.01 -27.51
C THR A 176 -24.10 -14.72 -27.48
N VAL A 177 -23.75 -13.79 -28.36
CA VAL A 177 -24.48 -12.54 -28.47
C VAL A 177 -24.95 -12.34 -29.91
N GLU A 178 -26.27 -12.43 -30.11
CA GLU A 178 -26.85 -12.28 -31.44
C GLU A 178 -27.45 -10.89 -31.63
N PHE A 179 -26.97 -10.17 -32.64
CA PHE A 179 -27.50 -8.86 -32.95
C PHE A 179 -28.81 -8.97 -33.73
N LEU A 180 -29.89 -8.47 -33.14
CA LEU A 180 -31.19 -8.46 -33.79
C LEU A 180 -31.36 -7.16 -34.57
N ASP A 181 -30.37 -6.28 -34.46
CA ASP A 181 -30.41 -4.97 -35.10
C ASP A 181 -29.03 -4.33 -35.10
N GLY A 182 -28.97 -3.06 -35.49
CA GLY A 182 -27.73 -2.30 -35.46
C GLY A 182 -26.87 -2.46 -36.69
N THR A 183 -25.58 -2.15 -36.54
CA THR A 183 -24.64 -2.19 -37.65
C THR A 183 -24.29 -3.63 -38.01
N TYR A 184 -24.33 -4.52 -37.02
CA TYR A 184 -24.06 -5.93 -37.26
C TYR A 184 -25.36 -6.73 -37.28
N GLU A 185 -26.35 -6.17 -37.97
CA GLU A 185 -27.69 -6.74 -38.06
C GLU A 185 -27.68 -8.19 -38.53
N GLY A 186 -27.87 -9.12 -37.59
CA GLY A 186 -27.93 -10.53 -37.91
C GLY A 186 -26.63 -11.27 -37.65
N LYS A 187 -25.64 -10.56 -37.12
CA LYS A 187 -24.36 -11.18 -36.80
C LYS A 187 -24.42 -11.87 -35.44
N LYS A 188 -23.77 -13.04 -35.36
CA LYS A 188 -23.73 -13.83 -34.14
C LYS A 188 -22.30 -13.97 -33.64
N ILE A 189 -21.96 -13.24 -32.58
CA ILE A 189 -20.63 -13.32 -32.00
C ILE A 189 -20.60 -14.31 -30.85
N LYS A 190 -19.67 -15.25 -30.93
CA LYS A 190 -19.51 -16.26 -29.89
C LYS A 190 -18.26 -15.96 -29.06
N ILE A 191 -18.43 -15.87 -27.74
CA ILE A 191 -17.36 -15.43 -26.86
C ILE A 191 -16.99 -16.48 -25.82
N THR A 192 -15.75 -16.95 -25.86
CA THR A 192 -15.25 -17.91 -24.88
C THR A 192 -14.28 -17.25 -23.92
N ILE A 193 -14.59 -17.31 -22.63
CA ILE A 193 -13.72 -16.74 -21.61
C ILE A 193 -13.05 -17.85 -20.81
N ASN A 194 -11.72 -17.89 -20.87
CA ASN A 194 -10.92 -18.95 -20.28
C ASN A 194 -10.46 -18.64 -18.87
N ASP A 195 -9.53 -17.70 -18.82
CA ASP A 195 -8.86 -17.29 -17.61
C ASP A 195 -8.99 -15.78 -17.47
N GLY A 196 -8.20 -15.19 -16.60
CA GLY A 196 -8.18 -13.75 -16.49
C GLY A 196 -7.55 -13.20 -15.23
N THR A 197 -7.42 -11.88 -15.21
CA THR A 197 -6.87 -11.17 -14.06
C THR A 197 -7.82 -10.05 -13.68
N MET A 198 -7.93 -9.77 -12.39
CA MET A 198 -8.86 -8.75 -11.91
C MET A 198 -8.17 -7.41 -11.72
N ASN A 199 -6.85 -7.42 -11.87
CA ASN A 199 -5.99 -6.24 -11.79
C ASN A 199 -6.36 -5.25 -10.68
N VAL A 200 -6.93 -5.80 -9.60
CA VAL A 200 -7.04 -5.10 -8.32
C VAL A 200 -5.65 -5.02 -7.67
N GLU A 201 -4.71 -5.84 -8.16
CA GLU A 201 -3.33 -5.84 -7.65
C GLU A 201 -2.70 -4.46 -7.52
N GLY A 202 -3.29 -3.46 -8.15
CA GLY A 202 -2.82 -2.09 -8.05
C GLY A 202 -1.70 -1.77 -9.00
N VAL A 203 -0.87 -2.77 -9.28
CA VAL A 203 0.23 -2.66 -10.23
C VAL A 203 -0.24 -2.20 -11.60
N SER A 204 -1.38 -2.74 -12.02
CA SER A 204 -1.88 -2.52 -13.37
C SER A 204 -2.53 -1.16 -13.56
N SER A 205 -2.94 -0.53 -12.46
CA SER A 205 -3.70 0.72 -12.54
C SER A 205 -2.86 1.92 -12.98
N VAL A 206 -1.56 1.72 -13.14
CA VAL A 206 -0.66 2.82 -13.47
C VAL A 206 0.08 2.57 -14.78
N LEU A 207 -0.35 1.55 -15.52
CA LEU A 207 0.33 1.15 -16.75
C LEU A 207 0.06 2.10 -17.93
N ALA A 208 -1.10 2.74 -17.94
CA ALA A 208 -1.49 3.57 -19.07
C ALA A 208 -0.76 4.92 -19.09
N ILE A 209 0.04 5.18 -18.06
CA ILE A 209 0.81 6.41 -17.99
C ILE A 209 2.29 6.13 -18.28
N LEU A 210 2.66 4.85 -18.23
CA LEU A 210 4.05 4.45 -18.47
C LEU A 210 4.22 3.80 -19.84
N PHE A 211 3.14 3.22 -20.36
CA PHE A 211 3.22 2.51 -21.63
C PHE A 211 2.07 2.81 -22.57
N ASP A 212 2.25 2.43 -23.83
CA ASP A 212 1.23 2.57 -24.86
C ASP A 212 1.40 1.43 -25.85
N ILE A 213 0.32 1.04 -26.52
CA ILE A 213 0.42 -0.01 -27.52
C ILE A 213 0.19 0.54 -28.93
N VAL A 214 1.24 0.54 -29.71
CA VAL A 214 1.11 0.92 -31.08
C VAL A 214 1.83 -0.06 -31.97
N ASN A 215 1.08 -1.03 -32.46
CA ASN A 215 1.63 -2.13 -33.20
C ASN A 215 2.29 -3.02 -32.19
N GLY A 216 3.28 -2.46 -31.55
CA GLY A 216 4.21 -3.25 -30.79
C GLY A 216 4.22 -2.29 -29.65
N GLU A 217 4.51 -2.78 -28.46
CA GLU A 217 4.43 -1.99 -27.26
C GLU A 217 5.48 -0.97 -26.85
N ILE A 218 5.04 0.27 -26.70
CA ILE A 218 5.88 1.41 -26.46
C ILE A 218 5.98 1.86 -25.02
N VAL A 219 7.11 2.44 -24.67
CA VAL A 219 7.23 3.24 -23.45
C VAL A 219 6.80 4.68 -23.74
N GLU A 220 6.20 5.32 -22.74
CA GLU A 220 5.55 6.63 -22.91
C GLU A 220 6.41 7.68 -23.59
N ALA A 226 9.60 5.71 -12.96
CA ALA A 226 10.01 6.26 -14.24
C ALA A 226 9.35 7.60 -14.46
N GLU A 227 9.97 8.65 -13.92
CA GLU A 227 9.51 10.03 -14.00
C GLU A 227 8.45 10.35 -12.97
N ILE A 228 7.98 9.29 -12.30
CA ILE A 228 7.05 9.37 -11.19
C ILE A 228 8.05 9.17 -10.06
N GLY A 229 7.57 8.83 -8.88
CA GLY A 229 8.44 8.72 -7.72
C GLY A 229 8.21 7.26 -7.46
N GLU A 230 8.46 6.83 -6.24
CA GLU A 230 8.19 5.45 -5.88
C GLU A 230 6.88 5.40 -5.15
N SER A 231 6.25 6.56 -5.08
CA SER A 231 5.05 6.83 -4.32
C SER A 231 4.21 7.86 -5.07
N TYR A 232 2.94 7.53 -5.32
CA TYR A 232 2.10 8.40 -6.14
C TYR A 232 0.60 8.16 -5.90
N ALA A 233 -0.19 9.18 -6.23
CA ALA A 233 -1.64 9.09 -6.09
C ALA A 233 -2.31 9.04 -7.46
N ILE A 234 -3.33 8.19 -7.58
CA ILE A 234 -4.09 8.09 -8.82
C ILE A 234 -5.56 8.45 -8.56
N ASN A 235 -6.06 9.42 -9.32
CA ASN A 235 -7.41 9.93 -9.10
C ASN A 235 -8.29 9.81 -10.35
N ASP A 236 -9.00 8.69 -10.47
CA ASP A 236 -9.95 8.53 -11.54
C ASP A 236 -11.18 9.39 -11.28
N LEU A 237 -11.34 10.45 -12.06
CA LEU A 237 -12.48 11.34 -11.91
C LEU A 237 -13.66 10.82 -12.73
N GLY A 238 -14.61 10.18 -12.04
CA GLY A 238 -15.74 9.57 -12.71
C GLY A 238 -16.98 10.43 -12.71
N ALA A 239 -18.05 9.94 -13.34
CA ALA A 239 -19.30 10.68 -13.43
C ALA A 239 -20.11 10.55 -12.15
N GLY A 240 -20.10 9.36 -11.57
CA GLY A 240 -20.82 9.13 -10.33
C GLY A 240 -19.95 9.33 -9.12
N THR A 241 -18.71 8.88 -9.19
CA THR A 241 -17.80 8.91 -8.04
C THR A 241 -16.39 9.34 -8.39
N SER A 242 -15.72 9.97 -7.43
CA SER A 242 -14.28 10.22 -7.53
C SER A 242 -13.54 9.16 -6.73
N ASP A 243 -12.64 8.45 -7.41
CA ASP A 243 -11.87 7.40 -6.75
C ASP A 243 -10.44 7.84 -6.49
N ASN A 244 -10.07 7.91 -5.21
CA ASN A 244 -8.73 8.32 -4.81
C ASN A 244 -7.92 7.14 -4.29
N ALA A 245 -6.85 6.80 -5.02
CA ALA A 245 -5.99 5.70 -4.64
C ALA A 245 -4.56 6.17 -4.39
N PHE A 246 -3.87 5.55 -3.45
CA PHE A 246 -2.52 5.93 -3.11
C PHE A 246 -1.62 4.74 -3.15
N PHE A 247 -0.43 4.91 -3.72
CA PHE A 247 0.54 3.83 -3.85
C PHE A 247 1.91 4.24 -3.35
N GLU A 248 2.30 3.76 -2.18
CA GLU A 248 3.66 3.91 -1.76
C GLU A 248 4.40 2.64 -2.09
N ASP A 249 5.70 2.76 -2.26
CA ASP A 249 6.53 1.72 -2.82
C ASP A 249 5.94 1.21 -4.13
N GLY A 250 5.55 -0.05 -4.18
CA GLY A 250 5.04 -0.61 -5.40
C GLY A 250 3.54 -0.65 -5.42
N GLU A 251 2.92 -0.87 -4.27
CA GLU A 251 1.50 -1.10 -4.28
C GLU A 251 0.68 -0.47 -3.18
N LEU A 252 -0.59 -0.75 -3.25
CA LEU A 252 -1.67 0.09 -2.80
C LEU A 252 -1.87 0.21 -1.33
N ASN A 253 -1.95 1.44 -0.87
CA ASN A 253 -2.07 1.75 0.55
C ASN A 253 -3.53 2.01 0.89
N LYS A 254 -4.28 0.94 1.16
CA LYS A 254 -5.72 1.03 1.39
C LYS A 254 -6.09 1.41 2.83
N LYS A 255 -5.21 2.16 3.49
CA LYS A 255 -5.57 2.75 4.78
C LYS A 255 -6.02 4.18 4.53
N LEU A 256 -5.43 4.80 3.51
CA LEU A 256 -5.72 6.18 3.15
C LEU A 256 -6.53 6.29 1.87
N SER A 257 -6.67 5.17 1.16
CA SER A 257 -7.37 5.16 -0.12
C SER A 257 -8.88 5.23 0.07
N THR A 258 -9.53 6.11 -0.70
CA THR A 258 -10.94 6.41 -0.51
C THR A 258 -11.73 6.42 -1.82
N ASN A 259 -13.04 6.24 -1.70
CA ASN A 259 -13.97 6.49 -2.80
C ASN A 259 -14.99 7.51 -2.35
N THR A 260 -15.12 8.60 -3.11
CA THR A 260 -16.00 9.70 -2.72
C THR A 260 -17.13 9.92 -3.73
N ASP A 261 -18.10 10.75 -3.36
CA ASP A 261 -19.23 11.04 -4.22
C ASP A 261 -19.03 12.32 -5.02
N LEU A 262 -17.80 12.56 -5.44
CA LEU A 262 -17.48 13.80 -6.17
C LEU A 262 -17.47 13.57 -7.68
N GLY A 263 -18.62 13.19 -8.22
CA GLY A 263 -18.75 12.90 -9.64
C GLY A 263 -19.24 14.09 -10.45
N THR A 264 -19.19 13.95 -11.77
CA THR A 264 -19.55 15.03 -12.68
C THR A 264 -21.07 15.18 -12.82
N ASN A 265 -21.80 14.13 -12.48
CA ASN A 265 -23.25 14.10 -12.68
C ASN A 265 -23.99 15.24 -12.00
N LYS A 266 -23.72 15.45 -10.72
CA LYS A 266 -24.42 16.46 -9.93
C LYS A 266 -24.25 17.85 -10.53
N TYR A 267 -23.04 18.13 -11.03
CA TYR A 267 -22.75 19.41 -11.65
C TYR A 267 -23.43 19.53 -13.01
N ILE A 268 -23.37 18.45 -13.78
CA ILE A 268 -24.07 18.39 -15.06
C ILE A 268 -25.57 18.58 -14.85
N ASP A 269 -26.11 17.91 -13.83
CA ASP A 269 -27.52 17.98 -13.51
C ASP A 269 -28.00 19.41 -13.23
N GLU A 270 -27.16 20.19 -12.57
CA GLU A 270 -27.53 21.57 -12.24
C GLU A 270 -27.37 22.50 -13.44
N ILE A 271 -26.33 22.26 -14.24
CA ILE A 271 -26.12 23.03 -15.46
C ILE A 271 -27.34 22.89 -16.36
N LEU A 272 -27.77 21.65 -16.56
CA LEU A 272 -28.95 21.36 -17.38
C LEU A 272 -30.20 22.06 -16.83
N LYS A 273 -30.32 22.11 -15.51
CA LYS A 273 -31.46 22.75 -14.87
C LYS A 273 -31.49 24.26 -15.13
N ASN A 274 -30.34 24.89 -14.97
CA ASN A 274 -30.22 26.34 -15.16
C ASN A 274 -30.40 26.73 -16.62
N ILE A 275 -29.97 25.86 -17.53
CA ILE A 275 -30.18 26.07 -18.97
C ILE A 275 -31.67 26.20 -19.23
N LYS A 276 -32.43 25.26 -18.68
CA LYS A 276 -33.88 25.27 -18.78
C LYS A 276 -34.48 26.52 -18.14
N GLU A 277 -33.88 27.00 -17.06
CA GLU A 277 -34.36 28.18 -16.36
C GLU A 277 -34.09 29.47 -17.14
N ARG A 278 -33.18 29.39 -18.11
CA ARG A 278 -32.85 30.55 -18.92
C ARG A 278 -33.77 30.62 -20.14
N PHE A 279 -34.31 29.46 -20.53
CA PHE A 279 -35.28 29.40 -21.63
C PHE A 279 -36.65 29.91 -21.20
N MET A 280 -36.68 30.69 -20.11
CA MET A 280 -37.91 31.26 -19.61
C MET A 280 -37.89 32.79 -19.74
N PRO A 296 -35.23 18.92 -24.65
CA PRO A 296 -33.98 19.35 -24.00
C PRO A 296 -32.80 18.56 -24.54
N PHE A 297 -31.89 18.21 -23.63
CA PHE A 297 -31.09 17.01 -23.77
C PHE A 297 -31.79 16.01 -22.87
N LYS A 298 -32.09 14.81 -23.37
CA LYS A 298 -32.84 13.85 -22.56
C LYS A 298 -31.92 13.11 -21.59
N THR A 299 -30.68 12.89 -22.01
CA THR A 299 -29.72 12.17 -21.18
C THR A 299 -28.47 13.01 -20.92
N ARG A 300 -27.80 12.74 -19.80
CA ARG A 300 -26.58 13.46 -19.44
C ARG A 300 -25.50 13.33 -20.50
N GLU A 301 -25.31 12.10 -20.97
CA GLU A 301 -24.30 11.79 -21.98
C GLU A 301 -24.52 12.56 -23.26
N ASP A 302 -25.79 12.65 -23.67
CA ASP A 302 -26.19 13.38 -24.87
C ASP A 302 -25.69 14.82 -24.82
N PHE A 303 -25.83 15.44 -23.66
CA PHE A 303 -25.40 16.81 -23.44
C PHE A 303 -23.88 16.95 -23.52
N ILE A 304 -23.18 15.87 -23.21
CA ILE A 304 -21.72 15.88 -23.24
C ILE A 304 -21.17 15.77 -24.67
N GLN A 305 -21.60 14.76 -25.41
CA GLN A 305 -21.05 14.50 -26.74
C GLN A 305 -21.44 15.57 -27.76
N ARG A 306 -22.62 16.16 -27.60
CA ARG A 306 -23.10 17.17 -28.55
C ARG A 306 -22.57 18.57 -28.21
N LEU A 307 -22.99 19.10 -27.07
CA LEU A 307 -22.69 20.47 -26.71
C LEU A 307 -21.28 20.65 -26.15
N VAL A 308 -20.87 19.75 -25.27
CA VAL A 308 -19.64 19.93 -24.50
C VAL A 308 -18.38 19.39 -25.18
N MET A 309 -18.39 18.11 -25.51
CA MET A 309 -17.21 17.41 -26.04
C MET A 309 -16.50 18.12 -27.20
N PRO A 310 -17.25 18.77 -28.11
CA PRO A 310 -16.54 19.58 -29.12
C PRO A 310 -15.71 20.73 -28.53
N GLU A 311 -16.34 21.59 -27.72
CA GLU A 311 -15.67 22.77 -27.18
C GLU A 311 -14.43 22.44 -26.37
N VAL A 312 -14.49 21.34 -25.63
CA VAL A 312 -13.37 20.90 -24.80
C VAL A 312 -12.12 20.61 -25.61
N GLU A 313 -12.30 19.93 -26.74
CA GLU A 313 -11.16 19.53 -27.56
C GLU A 313 -10.54 20.72 -28.28
N LYS A 314 -11.34 21.72 -28.62
CA LYS A 314 -10.81 22.95 -29.21
C LYS A 314 -9.90 23.64 -28.20
N MET A 315 -10.26 23.50 -26.92
CA MET A 315 -9.44 24.02 -25.82
C MET A 315 -8.19 23.16 -25.65
N ILE A 316 -8.27 21.92 -26.12
CA ILE A 316 -7.15 20.99 -26.04
C ILE A 316 -6.22 21.15 -27.24
N GLU A 317 -6.81 21.28 -28.43
CA GLU A 317 -6.03 21.55 -29.63
C GLU A 317 -5.28 22.86 -29.53
N ASP A 318 -5.84 23.79 -28.74
CA ASP A 318 -5.32 25.14 -28.66
C ASP A 318 -5.52 25.74 -27.27
N ASP A 319 -4.43 26.15 -26.65
CA ASP A 319 -4.45 26.62 -25.27
C ASP A 319 -5.08 28.01 -25.10
N THR A 320 -5.18 28.75 -26.21
CA THR A 320 -5.72 30.10 -26.14
C THR A 320 -7.16 30.18 -26.64
N TYR A 321 -7.78 29.02 -26.85
CA TYR A 321 -9.15 28.98 -27.38
C TYR A 321 -10.20 29.40 -26.37
N LYS A 322 -11.09 30.28 -26.81
CA LYS A 322 -12.26 30.67 -26.03
C LYS A 322 -13.44 29.77 -26.37
N PRO A 323 -13.92 28.99 -25.39
CA PRO A 323 -15.06 28.10 -25.61
C PRO A 323 -16.38 28.85 -25.77
N THR A 324 -17.33 28.25 -26.47
CA THR A 324 -18.64 28.86 -26.68
C THR A 324 -19.73 27.80 -26.69
N PHE A 325 -20.49 27.73 -25.60
CA PHE A 325 -21.56 26.77 -25.48
C PHE A 325 -22.91 27.38 -25.83
N SER A 326 -23.43 27.02 -27.00
CA SER A 326 -24.75 27.47 -27.41
C SER A 326 -25.61 26.26 -27.78
N VAL A 327 -26.84 26.24 -27.29
CA VAL A 327 -27.75 25.14 -27.58
C VAL A 327 -29.06 25.63 -28.16
N LYS A 328 -29.45 25.03 -29.29
CA LYS A 328 -30.75 25.33 -29.88
C LYS A 328 -31.79 24.34 -29.38
N TRP A 329 -32.93 24.85 -28.95
CA TRP A 329 -34.01 24.00 -28.48
C TRP A 329 -35.22 24.25 -29.37
N GLY A 330 -35.60 23.23 -30.13
CA GLY A 330 -36.74 23.33 -31.02
C GLY A 330 -36.30 24.23 -32.15
N ASP A 331 -36.48 25.54 -31.96
CA ASP A 331 -36.18 26.53 -32.99
C ASP A 331 -35.24 27.62 -32.50
N VAL A 332 -35.21 27.81 -31.18
CA VAL A 332 -34.46 28.89 -30.55
C VAL A 332 -33.02 28.56 -30.13
N LYS A 333 -32.10 29.46 -30.43
CA LYS A 333 -30.70 29.26 -30.04
C LYS A 333 -30.36 30.21 -28.90
N GLU A 334 -30.16 29.66 -27.71
CA GLU A 334 -29.77 30.44 -26.54
C GLU A 334 -28.29 30.25 -26.24
N ASN A 335 -27.58 31.36 -26.05
CA ASN A 335 -26.17 31.30 -25.69
C ASN A 335 -25.99 31.00 -24.20
N VAL A 336 -25.73 29.73 -23.89
CA VAL A 336 -25.55 29.30 -22.52
C VAL A 336 -24.06 29.11 -22.19
N THR A 337 -23.22 29.95 -22.80
CA THR A 337 -21.77 29.77 -22.71
C THR A 337 -21.24 29.90 -21.28
N ASP A 338 -21.97 30.58 -20.40
CA ASP A 338 -21.51 30.79 -19.04
C ASP A 338 -22.22 29.90 -18.03
N ILE A 339 -23.47 29.55 -18.31
CA ILE A 339 -24.21 28.62 -17.47
C ILE A 339 -23.46 27.29 -17.39
N VAL A 340 -22.83 26.92 -18.50
CA VAL A 340 -21.99 25.72 -18.55
C VAL A 340 -20.64 25.98 -17.88
N MET A 341 -20.06 27.14 -18.16
CA MET A 341 -18.73 27.48 -17.65
C MET A 341 -18.68 27.53 -16.13
N ASP A 342 -19.75 28.04 -15.52
CA ASP A 342 -19.81 28.10 -14.06
C ASP A 342 -19.81 26.70 -13.46
N GLY A 343 -20.66 25.83 -13.99
CA GLY A 343 -20.72 24.45 -13.55
C GLY A 343 -19.41 23.72 -13.80
N MET A 344 -18.76 24.04 -14.91
CA MET A 344 -17.47 23.45 -15.25
C MET A 344 -16.38 23.94 -14.30
N LEU A 345 -16.33 25.25 -14.07
CA LEU A 345 -15.32 25.83 -13.19
C LEU A 345 -15.57 25.47 -11.72
N LYS A 346 -16.84 25.35 -11.34
CA LYS A 346 -17.18 24.98 -9.97
C LYS A 346 -16.77 23.54 -9.68
N TYR A 347 -17.04 22.65 -10.63
CA TYR A 347 -16.59 21.26 -10.53
C TYR A 347 -15.07 21.22 -10.46
N ALA A 348 -14.43 22.05 -11.27
CA ALA A 348 -12.99 22.18 -11.26
C ALA A 348 -12.51 22.46 -9.85
N GLU A 349 -13.03 23.53 -9.26
CA GLU A 349 -12.64 23.96 -7.91
C GLU A 349 -12.74 22.85 -6.86
N ASP A 350 -13.90 22.19 -6.81
CA ASP A 350 -14.14 21.16 -5.79
C ASP A 350 -13.14 20.02 -5.88
N GLN A 351 -12.71 19.69 -7.09
CA GLN A 351 -11.74 18.63 -7.29
C GLN A 351 -10.35 19.03 -6.82
N LYS A 352 -9.87 20.21 -7.23
CA LYS A 352 -8.56 20.68 -6.77
C LYS A 352 -8.53 20.75 -5.26
N ALA A 353 -9.62 21.21 -4.66
CA ALA A 353 -9.75 21.14 -3.22
C ALA A 353 -9.57 19.69 -2.79
N SER A 354 -10.42 18.81 -3.32
CA SER A 354 -10.39 17.39 -2.99
C SER A 354 -9.04 16.74 -3.27
N LEU A 355 -8.41 17.08 -4.40
CA LEU A 355 -7.13 16.49 -4.77
C LEU A 355 -6.01 16.89 -3.82
N MET A 356 -5.95 18.18 -3.48
CA MET A 356 -4.93 18.70 -2.57
C MET A 356 -5.05 18.11 -1.17
N LYS A 357 -6.27 17.94 -0.68
CA LYS A 357 -6.50 17.32 0.62
C LYS A 357 -5.91 15.92 0.64
N PHE A 358 -6.11 15.18 -0.44
CA PHE A 358 -5.63 13.81 -0.55
C PHE A 358 -4.12 13.78 -0.73
N TRP A 359 -3.55 14.88 -1.23
CA TRP A 359 -2.11 14.97 -1.41
C TRP A 359 -1.40 15.05 -0.06
N PHE A 360 -1.89 15.94 0.81
CA PHE A 360 -1.32 16.09 2.14
C PHE A 360 -1.58 14.85 3.01
N LYS A 361 -2.68 14.16 2.72
CA LYS A 361 -3.04 12.94 3.44
C LYS A 361 -2.05 11.83 3.16
N THR A 362 -1.67 11.72 1.91
CA THR A 362 -0.82 10.63 1.44
C THR A 362 0.66 11.02 1.49
N ASN A 363 0.91 12.33 1.44
CA ASN A 363 2.26 12.86 1.25
C ASN A 363 2.90 12.22 0.02
N ALA A 364 2.08 12.04 -1.01
CA ALA A 364 2.55 11.43 -2.25
C ALA A 364 3.56 12.35 -2.93
N ASP A 365 4.41 11.76 -3.76
CA ASP A 365 5.39 12.52 -4.51
C ASP A 365 4.83 12.94 -5.85
N LYS A 366 3.84 12.19 -6.33
CA LYS A 366 3.19 12.48 -7.59
C LYS A 366 1.68 12.27 -7.52
N ASN A 367 0.92 13.15 -8.15
CA ASN A 367 -0.53 13.04 -8.20
C ASN A 367 -1.03 12.90 -9.63
N ILE A 368 -1.42 11.69 -10.00
CA ILE A 368 -1.94 11.42 -11.33
C ILE A 368 -3.44 11.65 -11.38
N VAL A 369 -3.89 12.43 -12.35
CA VAL A 369 -5.32 12.73 -12.50
C VAL A 369 -5.84 12.25 -13.84
N VAL A 370 -6.74 11.27 -13.80
CA VAL A 370 -7.28 10.67 -15.02
C VAL A 370 -8.80 10.65 -15.00
N GLY A 371 -9.41 9.99 -15.99
CA GLY A 371 -10.85 9.91 -16.08
C GLY A 371 -11.44 10.98 -16.96
N GLY A 372 -12.76 10.98 -17.10
CA GLY A 372 -13.44 11.96 -17.93
C GLY A 372 -13.69 13.27 -17.22
N GLY A 373 -13.58 13.25 -15.89
CA GLY A 373 -13.74 14.46 -15.09
C GLY A 373 -12.69 15.49 -15.45
N VAL A 374 -11.56 15.02 -15.96
CA VAL A 374 -10.50 15.88 -16.46
C VAL A 374 -10.98 16.62 -17.70
N LEU A 375 -11.62 15.89 -18.61
CA LEU A 375 -12.10 16.47 -19.86
C LEU A 375 -13.28 17.40 -19.63
N PHE A 376 -14.18 17.01 -18.71
CA PHE A 376 -15.33 17.84 -18.38
C PHE A 376 -14.89 19.15 -17.73
N GLY A 377 -14.08 19.06 -16.69
CA GLY A 377 -13.63 20.23 -15.97
C GLY A 377 -12.33 20.80 -16.50
N TYR A 378 -12.02 20.50 -17.75
CA TYR A 378 -10.74 20.90 -18.36
C TYR A 378 -10.54 22.41 -18.38
N ALA A 379 -11.63 23.17 -18.39
CA ALA A 379 -11.55 24.62 -18.39
C ALA A 379 -10.82 25.11 -17.15
N GLY A 380 -11.08 24.48 -16.03
CA GLY A 380 -10.42 24.85 -14.78
C GLY A 380 -9.33 23.88 -14.37
N LEU A 381 -9.40 22.64 -14.86
CA LEU A 381 -8.45 21.62 -14.47
C LEU A 381 -7.16 21.64 -15.27
N ARG A 382 -7.09 22.48 -16.31
CA ARG A 382 -5.86 22.58 -17.08
C ARG A 382 -4.84 23.44 -16.34
N ASP A 383 -5.24 23.97 -15.20
CA ASP A 383 -4.34 24.69 -14.31
C ASP A 383 -3.33 23.74 -13.67
N LEU A 384 -3.63 22.45 -13.72
CA LEU A 384 -2.82 21.43 -13.05
C LEU A 384 -1.56 21.07 -13.84
N LYS A 385 -1.52 21.44 -15.11
CA LYS A 385 -0.34 21.18 -15.95
C LYS A 385 0.84 22.05 -15.53
N GLU A 386 0.55 23.09 -14.75
CA GLU A 386 1.56 24.05 -14.35
C GLU A 386 2.17 23.73 -12.98
N GLN A 387 1.39 23.09 -12.12
CA GLN A 387 1.89 22.67 -10.81
C GLN A 387 2.48 21.27 -10.89
N ASP A 388 3.72 21.12 -10.44
CA ASP A 388 4.36 19.81 -10.42
C ASP A 388 3.97 19.10 -9.12
N GLY A 389 4.04 17.78 -9.15
CA GLY A 389 3.41 16.95 -8.14
C GLY A 389 2.18 16.38 -8.81
N PHE A 390 1.67 17.13 -9.77
CA PHE A 390 0.53 16.73 -10.57
C PHE A 390 0.96 16.28 -11.95
N ILE A 391 0.59 15.06 -12.31
CA ILE A 391 0.84 14.54 -13.64
C ILE A 391 -0.45 14.17 -14.32
N LEU A 392 -0.82 14.92 -15.34
CA LEU A 392 -1.82 14.44 -16.27
C LEU A 392 -1.09 13.47 -17.20
N PRO A 393 -1.79 12.45 -17.69
CA PRO A 393 -1.30 11.89 -18.95
C PRO A 393 -1.84 12.73 -20.10
N LYS A 394 -0.96 13.18 -21.01
CA LYS A 394 -1.32 14.17 -22.03
C LYS A 394 -1.50 13.56 -23.42
N ASN A 395 -1.79 12.27 -23.46
CA ASN A 395 -2.63 11.74 -24.52
C ASN A 395 -4.02 11.88 -23.92
N ILE A 396 -4.47 13.12 -23.85
CA ILE A 396 -5.48 13.55 -22.88
C ILE A 396 -6.91 13.19 -23.26
N GLN A 397 -7.16 13.02 -24.56
CA GLN A 397 -8.47 12.57 -24.99
C GLN A 397 -8.73 11.17 -24.46
N GLU A 398 -7.63 10.46 -24.21
CA GLU A 398 -7.69 9.10 -23.72
C GLU A 398 -7.82 9.02 -22.19
N SER A 399 -8.10 10.17 -21.57
CA SER A 399 -8.15 10.25 -20.11
C SER A 399 -9.28 9.41 -19.52
N ALA A 400 -10.42 9.41 -20.19
CA ALA A 400 -11.58 8.67 -19.73
C ALA A 400 -11.32 7.17 -19.67
N TYR A 401 -10.64 6.66 -20.69
CA TYR A 401 -10.41 5.22 -20.80
C TYR A 401 -9.10 4.78 -20.17
N PHE A 402 -8.45 5.69 -19.46
CA PHE A 402 -7.16 5.42 -18.81
C PHE A 402 -7.17 4.12 -18.01
N THR A 403 -8.28 3.85 -17.33
CA THR A 403 -8.40 2.64 -16.52
C THR A 403 -8.50 1.40 -17.39
N SER A 404 -9.34 1.46 -18.43
CA SER A 404 -9.54 0.33 -19.32
C SER A 404 -8.30 0.05 -20.16
N ARG A 405 -7.55 1.11 -20.47
CA ARG A 405 -6.30 0.97 -21.20
C ARG A 405 -5.27 0.23 -20.35
N SER A 406 -5.22 0.60 -19.08
CA SER A 406 -4.32 -0.03 -18.11
C SER A 406 -4.56 -1.52 -18.01
N TYR A 407 -5.84 -1.90 -17.98
CA TYR A 407 -6.21 -3.31 -17.88
C TYR A 407 -5.89 -4.04 -19.17
N LEU A 408 -5.90 -3.32 -20.28
CA LEU A 408 -5.57 -3.90 -21.58
C LEU A 408 -4.07 -4.19 -21.67
N ILE A 409 -3.25 -3.22 -21.27
CA ILE A 409 -1.81 -3.39 -21.27
C ILE A 409 -1.41 -4.54 -20.35
N ALA A 410 -1.95 -4.53 -19.14
CA ALA A 410 -1.71 -5.58 -18.17
C ALA A 410 -2.17 -6.94 -18.70
N ASN A 411 -3.33 -6.94 -19.36
CA ASN A 411 -3.85 -8.13 -20.01
C ASN A 411 -2.82 -8.70 -20.96
N LEU A 412 -2.34 -7.84 -21.86
CA LEU A 412 -1.33 -8.20 -22.85
C LEU A 412 -0.07 -8.78 -22.19
N LEU A 413 0.33 -8.18 -21.07
CA LEU A 413 1.58 -8.56 -20.41
C LEU A 413 1.57 -10.01 -19.92
N GLU A 414 0.55 -10.37 -19.14
CA GLU A 414 0.45 -11.73 -18.61
C GLU A 414 0.25 -12.74 -19.74
N GLN A 415 -0.41 -12.31 -20.81
CA GLN A 415 -0.62 -13.15 -21.98
C GLN A 415 0.71 -13.45 -22.69
N LEU A 416 1.72 -12.64 -22.39
CA LEU A 416 3.05 -12.85 -22.94
C LEU A 416 3.88 -13.73 -22.01
N ASN A 417 3.24 -14.16 -20.92
CA ASN A 417 3.87 -15.05 -19.94
C ASN A 417 5.16 -14.48 -19.36
N GLU A 446 38.97 -25.22 18.60
CA GLU A 446 37.92 -24.53 19.34
C GLU A 446 36.66 -24.38 18.47
N GLN A 447 36.60 -23.27 17.72
CA GLN A 447 35.48 -22.87 16.87
C GLN A 447 34.09 -23.30 17.37
N MET A 448 33.19 -23.61 16.43
CA MET A 448 31.80 -23.83 16.75
C MET A 448 31.14 -24.92 15.90
N LEU A 449 31.25 -24.78 14.58
CA LEU A 449 30.50 -25.54 13.58
C LEU A 449 28.99 -25.43 13.80
N SER A 450 28.29 -24.96 12.79
CA SER A 450 26.86 -24.69 12.89
C SER A 450 26.16 -24.84 11.55
N LYS A 451 26.06 -26.06 11.04
CA LYS A 451 25.47 -26.25 9.73
C LYS A 451 24.04 -26.80 9.79
N ASN A 452 23.44 -26.71 10.99
CA ASN A 452 21.98 -26.78 11.15
C ASN A 452 21.56 -26.44 12.58
N MET A 453 22.25 -25.47 13.18
CA MET A 453 21.84 -24.92 14.47
C MET A 453 21.67 -23.41 14.34
N LEU A 454 20.56 -22.89 14.86
CA LEU A 454 20.33 -21.45 14.85
C LEU A 454 20.65 -20.86 16.21
N LEU A 455 21.77 -20.15 16.29
CA LEU A 455 22.18 -19.53 17.54
C LEU A 455 21.69 -18.10 17.60
N GLY A 456 20.75 -17.83 18.50
CA GLY A 456 20.15 -16.52 18.60
C GLY A 456 19.85 -16.05 20.02
N GLY A 457 19.96 -14.74 20.21
CA GLY A 457 19.54 -14.11 21.45
C GLY A 457 18.28 -13.31 21.15
N PHE A 458 17.30 -13.40 22.05
CA PHE A 458 15.98 -12.85 21.76
C PHE A 458 15.52 -11.83 22.78
N ASP A 459 15.36 -10.59 22.34
CA ASP A 459 14.77 -9.55 23.18
C ASP A 459 13.34 -9.27 22.72
N THR A 460 12.42 -10.16 23.12
CA THR A 460 11.02 -10.01 22.75
C THR A 460 10.30 -9.00 23.64
N GLY A 461 9.76 -7.95 23.02
CA GLY A 461 9.16 -6.86 23.77
C GLY A 461 7.73 -6.55 23.40
N ASN A 462 7.25 -5.39 23.83
CA ASN A 462 5.84 -5.04 23.63
C ASN A 462 5.60 -4.34 22.30
N ILE A 463 6.68 -3.93 21.66
CA ILE A 463 6.58 -3.18 20.41
C ILE A 463 7.36 -3.88 19.30
N LYS A 464 8.64 -4.15 19.56
CA LYS A 464 9.49 -4.87 18.62
C LYS A 464 9.89 -6.23 19.17
N ALA A 465 9.91 -7.22 18.29
CA ALA A 465 10.48 -8.52 18.62
C ALA A 465 11.91 -8.55 18.11
N LYS A 466 12.83 -8.02 18.92
CA LYS A 466 14.22 -7.85 18.52
C LYS A 466 15.01 -9.16 18.67
N ILE A 467 15.80 -9.48 17.65
CA ILE A 467 16.55 -10.73 17.63
C ILE A 467 17.97 -10.56 17.08
N SER A 468 18.94 -11.13 17.80
CA SER A 468 20.32 -11.17 17.32
C SER A 468 20.73 -12.63 17.10
N PHE A 469 21.16 -12.94 15.88
CA PHE A 469 21.53 -14.31 15.55
C PHE A 469 22.86 -14.39 14.80
N LEU A 470 23.42 -15.59 14.73
CA LEU A 470 24.63 -15.85 13.97
C LEU A 470 24.28 -16.35 12.58
N ASN A 471 24.90 -15.76 11.56
CA ASN A 471 24.71 -16.24 10.20
C ASN A 471 25.84 -17.18 9.79
N GLU A 472 25.88 -17.55 8.51
CA GLU A 472 26.88 -18.48 7.99
C GLU A 472 28.28 -18.00 8.29
N LYS A 473 28.51 -16.74 7.98
CA LYS A 473 29.84 -16.15 8.00
C LYS A 473 30.38 -16.02 9.44
N GLY A 474 29.48 -16.03 10.43
CA GLY A 474 29.89 -16.21 11.82
C GLY A 474 29.87 -14.96 12.69
N ASN A 475 29.30 -13.89 12.16
CA ASN A 475 29.10 -12.69 12.95
C ASN A 475 27.64 -12.49 13.30
N ILE A 476 27.33 -11.32 13.85
CA ILE A 476 26.02 -11.05 14.40
C ILE A 476 25.17 -10.22 13.46
N GLU A 477 24.03 -10.80 13.05
CA GLU A 477 23.02 -10.07 12.29
C GLU A 477 21.85 -9.80 13.23
N SER A 478 21.23 -8.64 13.11
CA SER A 478 20.15 -8.28 14.00
C SER A 478 19.05 -7.49 13.31
N PHE A 479 17.81 -7.78 13.69
CA PHE A 479 16.66 -7.02 13.20
C PHE A 479 15.53 -7.10 14.22
N ALA A 480 14.49 -6.32 13.99
CA ALA A 480 13.34 -6.30 14.89
C ALA A 480 12.03 -6.42 14.12
N ILE A 481 11.14 -7.26 14.61
CA ILE A 481 9.82 -7.41 14.01
C ILE A 481 8.77 -6.73 14.87
N PRO A 482 7.99 -5.82 14.27
CA PRO A 482 6.90 -5.13 14.98
C PRO A 482 5.91 -6.11 15.61
N THR A 483 5.73 -6.02 16.93
CA THR A 483 4.83 -6.92 17.64
C THR A 483 3.38 -6.63 17.26
N VAL A 484 3.02 -6.91 16.02
CA VAL A 484 1.66 -6.67 15.55
C VAL A 484 1.24 -7.75 14.53
N ILE A 485 0.08 -8.35 14.75
CA ILE A 485 -0.42 -9.45 13.92
C ILE A 485 -1.78 -9.12 13.29
N ALA A 486 -2.08 -9.76 12.16
CA ALA A 486 -3.39 -9.64 11.53
C ALA A 486 -3.80 -10.91 10.82
N GLU A 487 -5.04 -11.31 11.04
CA GLU A 487 -5.63 -12.48 10.39
C GLU A 487 -5.49 -12.36 8.88
N ALA A 488 -5.07 -13.45 8.23
CA ALA A 488 -4.77 -13.41 6.81
C ALA A 488 -5.44 -14.55 6.06
N PRO A 489 -5.71 -14.34 4.76
CA PRO A 489 -6.18 -15.42 3.90
C PRO A 489 -5.15 -16.55 3.83
N PRO A 490 -5.59 -17.80 3.98
CA PRO A 490 -4.70 -18.97 3.98
C PRO A 490 -3.97 -19.14 2.65
N ALA A 491 -4.38 -18.39 1.64
CA ALA A 491 -3.76 -18.46 0.33
C ALA A 491 -3.31 -17.09 -0.15
N LYS A 492 -2.39 -17.09 -1.11
CA LYS A 492 -1.91 -15.87 -1.75
C LYS A 492 -3.04 -15.17 -2.49
N ILE A 493 -2.93 -13.86 -2.66
CA ILE A 493 -3.93 -13.10 -3.42
C ILE A 493 -3.28 -12.08 -4.35
N LYS A 509 18.70 -3.67 2.42
CA LYS A 509 18.93 -4.70 3.44
C LYS A 509 17.82 -4.73 4.48
N ASP A 510 17.85 -5.78 5.31
CA ASP A 510 16.95 -5.91 6.45
C ASP A 510 15.51 -5.77 6.03
N GLU A 511 15.20 -6.28 4.85
CA GLU A 511 13.89 -6.12 4.25
C GLU A 511 13.54 -7.37 3.45
N ASP A 512 13.67 -8.50 4.13
CA ASP A 512 13.04 -9.74 3.75
C ASP A 512 11.82 -9.84 4.66
N ILE A 513 11.89 -9.12 5.78
CA ILE A 513 10.80 -9.02 6.75
C ILE A 513 9.76 -7.97 6.39
N GLU A 514 9.86 -7.37 5.20
CA GLU A 514 8.85 -6.39 4.83
C GLU A 514 8.03 -6.96 3.63
N LEU A 515 7.81 -8.27 3.72
CA LEU A 515 6.51 -8.92 3.43
C LEU A 515 6.49 -10.28 4.13
N LEU A 516 5.87 -10.29 5.31
CA LEU A 516 5.76 -11.48 6.12
C LEU A 516 4.34 -12.04 6.12
N HIS A 517 4.10 -13.01 5.25
CA HIS A 517 2.83 -13.72 5.20
C HIS A 517 3.07 -15.18 5.53
N VAL A 518 2.73 -15.59 6.74
CA VAL A 518 3.08 -16.92 7.22
C VAL A 518 1.91 -17.67 7.85
N ARG A 519 2.05 -18.98 7.91
CA ARG A 519 1.13 -19.82 8.70
C ARG A 519 1.91 -20.49 9.82
N ILE A 520 1.47 -20.28 11.06
CA ILE A 520 2.16 -20.84 12.21
C ILE A 520 1.46 -22.11 12.71
N ILE A 521 2.17 -23.23 12.66
CA ILE A 521 1.64 -24.48 13.20
C ILE A 521 2.45 -24.92 14.41
N SER A 522 2.08 -24.40 15.57
CA SER A 522 2.78 -24.73 16.80
C SER A 522 1.83 -25.38 17.81
N ASN A 523 2.39 -26.16 18.73
CA ASN A 523 1.62 -26.69 19.84
C ASN A 523 1.39 -25.60 20.88
N SER A 524 2.06 -24.47 20.69
CA SER A 524 1.99 -23.35 21.62
C SER A 524 0.90 -22.35 21.27
N LEU A 525 0.24 -22.55 20.14
CA LEU A 525 -0.84 -21.65 19.73
C LEU A 525 -2.18 -22.15 20.21
N ASP A 526 -3.17 -21.25 20.27
CA ASP A 526 -4.48 -21.60 20.79
C ASP A 526 -5.59 -20.81 20.09
N GLY A 527 -6.83 -21.26 20.28
CA GLY A 527 -7.95 -20.74 19.51
C GLY A 527 -8.01 -21.54 18.23
N ASP A 528 -8.27 -20.87 17.10
CA ASP A 528 -8.03 -21.51 15.82
C ASP A 528 -6.86 -20.79 15.16
N ALA A 529 -6.08 -20.11 15.99
CA ALA A 529 -4.79 -19.60 15.56
C ALA A 529 -3.84 -20.79 15.39
N ARG A 530 -4.16 -21.88 16.09
CA ARG A 530 -3.37 -23.11 16.04
C ARG A 530 -3.12 -23.58 14.61
N SER A 531 -4.01 -23.19 13.71
CA SER A 531 -3.91 -23.58 12.31
C SER A 531 -4.45 -22.51 11.37
N ARG A 532 -3.83 -21.33 11.37
CA ARG A 532 -4.26 -20.27 10.46
C ARG A 532 -3.12 -19.32 10.09
N ALA A 533 -3.27 -18.64 8.96
CA ALA A 533 -2.26 -17.71 8.44
C ALA A 533 -2.43 -16.30 8.99
N TRP A 534 -1.32 -15.57 9.06
CA TRP A 534 -1.32 -14.22 9.60
C TRP A 534 -0.41 -13.26 8.83
N TYR A 535 -0.72 -11.98 8.91
CA TYR A 535 0.22 -10.94 8.52
C TYR A 535 1.04 -10.56 9.74
N VAL A 536 2.36 -10.62 9.62
CA VAL A 536 3.24 -10.40 10.77
C VAL A 536 4.17 -9.23 10.54
N GLY A 537 4.41 -8.46 11.59
CA GLY A 537 5.30 -7.31 11.50
C GLY A 537 4.56 -6.06 11.10
N ALA A 538 5.22 -5.21 10.33
CA ALA A 538 4.68 -3.89 9.98
C ALA A 538 3.44 -3.94 9.08
N TYR A 539 2.84 -5.12 8.90
CA TYR A 539 1.84 -5.33 7.84
C TYR A 539 0.47 -5.62 8.38
N ALA A 540 0.45 -5.89 9.66
CA ALA A 540 -0.77 -5.77 10.40
C ALA A 540 -0.85 -4.32 10.85
N LYS A 541 0.14 -3.52 10.47
CA LYS A 541 0.05 -2.07 10.64
C LYS A 541 -0.88 -1.49 9.59
N ASP A 542 -0.65 -1.85 8.33
CA ASP A 542 -1.44 -1.34 7.23
C ASP A 542 -2.72 -2.16 7.00
N GLN A 543 -3.16 -2.88 8.02
CA GLN A 543 -4.41 -3.63 7.93
C GLN A 543 -5.30 -3.35 9.14
N GLU A 544 -6.59 -3.22 8.90
CA GLU A 544 -7.53 -2.76 9.93
C GLU A 544 -8.09 -3.89 10.79
N ASP A 545 -7.67 -5.12 10.52
CA ASP A 545 -8.01 -6.24 11.39
C ASP A 545 -6.85 -6.49 12.34
N ARG A 546 -6.03 -5.45 12.53
CA ARG A 546 -4.85 -5.51 13.37
C ARG A 546 -5.16 -5.82 14.83
N GLN A 547 -4.17 -6.39 15.51
CA GLN A 547 -4.20 -6.52 16.95
C GLN A 547 -2.86 -6.07 17.51
N GLU A 548 -2.90 -5.09 18.42
CA GLU A 548 -1.68 -4.56 19.01
C GLU A 548 -1.79 -4.58 20.54
N PRO A 549 -0.67 -4.86 21.23
CA PRO A 549 -0.60 -5.02 22.69
C PRO A 549 -1.39 -3.96 23.47
N THR A 550 -2.15 -4.39 24.49
CA THR A 550 -3.18 -3.53 25.09
C THR A 550 -3.04 -3.20 26.59
N VAL A 551 -2.15 -2.28 26.96
CA VAL A 551 -2.30 -1.51 28.19
C VAL A 551 -1.78 -0.09 27.95
N GLN A 563 -2.33 -14.01 29.98
CA GLN A 563 -3.26 -13.28 29.14
C GLN A 563 -3.24 -13.80 27.71
N LYS A 564 -4.19 -13.32 26.90
CA LYS A 564 -4.25 -13.69 25.49
C LYS A 564 -4.93 -12.60 24.66
N ASN A 565 -4.18 -11.79 23.88
CA ASN A 565 -2.72 -11.72 23.76
C ASN A 565 -1.96 -13.03 23.52
N LYS A 566 -0.75 -13.11 24.06
CA LYS A 566 0.06 -14.32 24.00
C LYS A 566 0.36 -14.79 22.57
N LYS A 567 -0.68 -15.06 21.80
CA LYS A 567 -0.55 -15.28 20.36
C LYS A 567 0.08 -14.05 19.70
N LEU A 568 -0.17 -12.89 20.31
CA LEU A 568 0.37 -11.62 19.84
C LEU A 568 1.89 -11.53 20.05
N HIS A 569 2.41 -12.31 20.98
CA HIS A 569 3.84 -12.30 21.28
C HIS A 569 4.57 -13.49 20.67
N LEU A 570 3.91 -14.64 20.66
CA LEU A 570 4.51 -15.89 20.17
C LEU A 570 4.72 -15.86 18.66
N ILE A 571 3.77 -15.32 17.93
CA ILE A 571 3.82 -15.32 16.47
C ILE A 571 4.99 -14.49 15.89
N PRO A 572 5.19 -13.24 16.37
CA PRO A 572 6.35 -12.52 15.83
C PRO A 572 7.67 -13.17 16.25
N LEU A 573 7.68 -13.87 17.38
CA LEU A 573 8.87 -14.56 17.85
C LEU A 573 9.21 -15.74 16.95
N PHE A 574 8.20 -16.54 16.64
CA PHE A 574 8.38 -17.71 15.77
C PHE A 574 8.73 -17.27 14.35
N THR A 575 8.15 -16.17 13.91
CA THR A 575 8.43 -15.62 12.58
C THR A 575 9.87 -15.09 12.54
N SER A 576 10.33 -14.52 13.64
CA SER A 576 11.69 -14.00 13.71
C SER A 576 12.71 -15.11 13.61
N MET A 577 12.41 -16.25 14.24
CA MET A 577 13.25 -17.43 14.12
C MET A 577 13.22 -17.95 12.69
N ALA A 578 12.05 -17.86 12.07
CA ALA A 578 11.84 -18.26 10.68
C ALA A 578 12.78 -17.51 9.76
N VAL A 579 12.62 -16.20 9.77
CA VAL A 579 13.41 -15.29 8.95
C VAL A 579 14.90 -15.57 9.15
N ALA A 580 15.29 -15.83 10.40
CA ALA A 580 16.66 -16.17 10.73
C ALA A 580 17.10 -17.46 10.04
N ALA A 581 16.30 -18.52 10.22
CA ALA A 581 16.59 -19.82 9.62
C ALA A 581 16.63 -19.73 8.10
N ALA A 582 15.64 -19.03 7.54
CA ALA A 582 15.55 -18.85 6.10
C ALA A 582 16.72 -18.03 5.57
N ARG A 583 17.26 -17.16 6.41
CA ARG A 583 18.38 -16.30 6.01
C ARG A 583 19.68 -17.08 5.88
N ILE A 584 19.91 -18.03 6.77
CA ILE A 584 21.14 -18.81 6.72
C ILE A 584 20.95 -20.07 5.88
N GLY A 585 19.89 -20.07 5.09
CA GLY A 585 19.66 -21.10 4.09
C GLY A 585 19.45 -22.49 4.64
N LYS A 586 18.70 -22.59 5.74
CA LYS A 586 18.35 -23.89 6.29
C LYS A 586 16.85 -24.04 6.40
N GLU A 587 16.35 -25.14 5.87
CA GLU A 587 14.94 -25.37 5.94
C GLU A 587 14.57 -26.16 7.16
N GLU A 588 15.48 -26.26 8.14
CA GLU A 588 15.16 -26.11 9.58
C GLU A 588 16.22 -26.36 10.66
N VAL A 589 16.11 -25.51 11.68
CA VAL A 589 17.14 -25.28 12.67
C VAL A 589 16.75 -25.69 14.08
N SER A 590 17.74 -26.17 14.84
CA SER A 590 17.55 -26.42 16.26
C SER A 590 17.96 -25.16 17.00
N VAL A 591 17.04 -24.62 17.80
CA VAL A 591 17.25 -23.31 18.40
C VAL A 591 17.33 -23.37 19.92
N PRO A 592 18.54 -23.19 20.48
CA PRO A 592 18.72 -23.00 21.92
C PRO A 592 18.24 -21.61 22.33
N PHE A 593 17.05 -21.53 22.93
CA PHE A 593 16.43 -20.24 23.20
C PHE A 593 17.14 -19.46 24.31
N SER A 594 17.47 -18.21 24.01
CA SER A 594 18.11 -17.33 24.98
C SER A 594 17.34 -16.02 25.11
N GLY A 595 16.36 -16.01 26.00
CA GLY A 595 15.53 -14.82 26.23
C GLY A 595 16.00 -14.00 27.40
N GLY A 596 15.08 -13.27 28.03
CA GLY A 596 15.44 -12.40 29.13
C GLY A 596 14.34 -11.98 30.08
N MET A 597 14.75 -11.42 31.22
CA MET A 597 13.86 -10.94 32.26
C MET A 597 12.80 -9.99 31.74
N GLU A 608 10.03 -21.54 35.87
CA GLU A 608 8.69 -22.12 35.85
C GLU A 608 8.04 -21.82 34.52
N GLN A 609 8.49 -20.76 33.86
CA GLN A 609 8.14 -20.62 32.46
C GLN A 609 6.67 -20.74 32.01
N ILE A 610 6.48 -20.42 30.74
CA ILE A 610 5.93 -21.35 29.77
C ILE A 610 6.72 -20.88 28.54
N LEU A 611 8.01 -21.20 28.67
CA LEU A 611 8.99 -21.28 27.61
C LEU A 611 8.86 -22.69 27.01
N GLU A 612 8.00 -23.55 27.57
CA GLU A 612 7.58 -24.72 26.78
C GLU A 612 6.10 -24.53 26.57
N MET A 613 5.86 -23.34 26.01
CA MET A 613 5.01 -23.20 24.88
C MET A 613 6.00 -23.57 23.79
N LEU A 614 7.24 -23.17 24.08
CA LEU A 614 8.29 -23.08 23.07
C LEU A 614 9.23 -24.27 22.82
N TYR A 615 9.54 -25.14 23.78
CA TYR A 615 10.26 -26.36 23.38
C TYR A 615 9.31 -27.15 22.44
N GLY A 616 9.45 -28.46 22.39
CA GLY A 616 8.65 -29.18 21.43
C GLY A 616 9.00 -28.64 20.06
N GLU A 617 8.07 -28.59 19.12
CA GLU A 617 8.46 -28.08 17.81
C GLU A 617 7.38 -27.36 16.95
N HIS A 618 7.83 -26.37 16.18
CA HIS A 618 6.94 -25.36 15.59
C HIS A 618 7.16 -25.19 14.08
N THR A 619 6.12 -25.14 13.26
CA THR A 619 6.36 -24.83 11.85
C THR A 619 5.93 -23.40 11.53
N VAL A 620 6.65 -22.75 10.62
CA VAL A 620 6.15 -21.54 9.98
C VAL A 620 6.41 -21.65 8.48
N GLU A 621 5.35 -21.48 7.69
CA GLU A 621 5.44 -21.64 6.25
C GLU A 621 5.16 -20.32 5.56
N PHE A 622 6.10 -19.86 4.75
CA PHE A 622 5.98 -18.57 4.08
C PHE A 622 5.04 -18.65 2.88
N LEU A 623 3.88 -18.01 3.00
CA LEU A 623 2.90 -17.99 1.93
C LEU A 623 3.21 -16.91 0.92
N ASP A 624 4.20 -16.08 1.23
CA ASP A 624 4.59 -14.96 0.37
C ASP A 624 5.96 -14.43 0.75
N GLY A 625 6.28 -13.22 0.29
CA GLY A 625 7.53 -12.57 0.63
C GLY A 625 8.73 -13.09 -0.13
N THR A 626 9.91 -12.84 0.42
CA THR A 626 11.17 -13.24 -0.21
C THR A 626 11.35 -14.75 -0.17
N TYR A 627 10.72 -15.40 0.80
CA TYR A 627 10.84 -16.84 0.97
C TYR A 627 9.58 -17.56 0.54
N GLU A 628 9.01 -17.12 -0.58
CA GLU A 628 7.77 -17.68 -1.09
C GLU A 628 7.73 -19.20 -1.21
N GLY A 629 6.92 -19.83 -0.36
CA GLY A 629 6.78 -21.27 -0.41
C GLY A 629 7.75 -22.02 0.48
N LYS A 630 8.69 -21.28 1.07
CA LYS A 630 9.61 -21.88 2.04
C LYS A 630 8.88 -22.27 3.32
N LYS A 631 9.04 -23.53 3.74
CA LYS A 631 8.40 -23.98 4.98
C LYS A 631 9.42 -24.19 6.09
N ILE A 632 9.36 -23.29 7.06
CA ILE A 632 10.32 -23.30 8.16
C ILE A 632 9.73 -23.82 9.49
N LYS A 633 10.21 -25.00 9.88
CA LYS A 633 9.81 -25.83 11.02
C LYS A 633 10.74 -25.82 12.26
N ILE A 634 10.34 -25.21 13.37
CA ILE A 634 11.33 -24.97 14.40
C ILE A 634 11.33 -25.86 15.67
N THR A 635 12.50 -26.45 15.93
CA THR A 635 12.74 -27.30 17.11
C THR A 635 13.51 -26.56 18.20
N ILE A 636 12.88 -26.50 19.38
CA ILE A 636 13.50 -25.92 20.55
C ILE A 636 13.62 -27.02 21.59
N ASN A 637 14.81 -27.24 22.13
CA ASN A 637 15.05 -28.31 23.08
C ASN A 637 15.74 -27.88 24.36
N ASP A 638 16.37 -26.71 24.32
CA ASP A 638 17.05 -26.17 25.48
C ASP A 638 16.57 -24.75 25.72
N GLY A 639 17.13 -24.08 26.71
CA GLY A 639 16.74 -22.72 27.01
C GLY A 639 17.38 -22.15 28.26
N THR A 640 17.63 -20.84 28.22
CA THR A 640 18.13 -20.11 29.38
C THR A 640 17.39 -18.78 29.44
N MET A 641 17.28 -18.21 30.63
CA MET A 641 16.53 -16.97 30.80
C MET A 641 17.43 -15.75 30.94
N ASN A 642 18.70 -15.98 31.29
CA ASN A 642 19.68 -14.91 31.54
C ASN A 642 19.09 -13.93 32.54
N VAL A 643 18.56 -14.55 33.58
CA VAL A 643 17.78 -13.95 34.65
C VAL A 643 18.65 -13.07 35.53
N GLU A 644 19.92 -13.45 35.63
CA GLU A 644 20.81 -12.91 36.66
C GLU A 644 21.29 -11.49 36.41
N GLY A 645 21.02 -10.93 35.23
CA GLY A 645 21.50 -9.60 34.90
C GLY A 645 22.97 -9.56 34.48
N VAL A 646 23.73 -10.56 34.91
CA VAL A 646 25.14 -10.63 34.58
C VAL A 646 25.31 -10.90 33.08
N SER A 647 24.37 -11.64 32.50
CA SER A 647 24.41 -11.93 31.07
C SER A 647 23.66 -10.86 30.29
N SER A 648 22.92 -10.03 31.01
CA SER A 648 22.15 -8.95 30.41
C SER A 648 23.07 -7.80 29.97
N VAL A 649 24.33 -7.89 30.36
CA VAL A 649 25.30 -6.83 30.08
C VAL A 649 26.48 -7.39 29.25
N LEU A 650 26.35 -8.65 28.83
CA LEU A 650 27.43 -9.34 28.13
C LEU A 650 27.85 -8.68 26.81
N ALA A 651 26.95 -7.88 26.22
CA ALA A 651 27.18 -7.33 24.90
C ALA A 651 28.20 -6.18 24.87
N ILE A 652 28.54 -5.65 26.04
CA ILE A 652 29.47 -4.52 26.08
C ILE A 652 30.89 -4.96 26.41
N LEU A 653 31.05 -6.19 26.89
CA LEU A 653 32.37 -6.72 27.18
C LEU A 653 32.87 -7.63 26.07
N PHE A 654 31.95 -8.04 25.19
CA PHE A 654 32.27 -9.01 24.15
C PHE A 654 31.66 -8.67 22.80
N ASP A 655 32.14 -9.34 21.76
CA ASP A 655 31.51 -9.32 20.45
C ASP A 655 31.94 -10.56 19.67
N ILE A 656 31.08 -11.02 18.77
CA ILE A 656 31.39 -12.17 17.94
C ILE A 656 31.67 -11.75 16.50
N VAL A 657 32.94 -11.79 16.12
CA VAL A 657 33.30 -11.61 14.73
C VAL A 657 33.99 -12.87 14.23
N ASN A 658 33.24 -13.68 13.47
CA ASN A 658 33.66 -15.03 13.10
C ASN A 658 33.90 -15.90 14.34
N GLY A 659 34.84 -15.48 15.17
CA GLY A 659 35.02 -16.07 16.49
C GLY A 659 34.56 -15.09 17.56
N GLU A 660 34.84 -15.40 18.82
CA GLU A 660 34.42 -14.55 19.92
C GLU A 660 35.57 -13.70 20.45
N ILE A 661 35.37 -12.38 20.50
CA ILE A 661 36.41 -11.46 20.95
C ILE A 661 35.95 -10.54 22.08
N VAL A 662 36.92 -10.06 22.85
CA VAL A 662 36.68 -9.03 23.86
C VAL A 662 36.58 -7.68 23.16
N GLU A 663 35.60 -6.87 23.52
CA GLU A 663 35.43 -5.58 22.86
C GLU A 663 36.59 -4.65 23.16
N VAL A 664 36.90 -3.79 22.19
CA VAL A 664 38.15 -3.04 22.12
C VAL A 664 38.63 -2.40 23.44
N GLU A 665 37.78 -1.59 24.06
CA GLU A 665 38.10 -0.98 25.35
C GLU A 665 36.87 -1.05 26.24
N GLY A 666 37.02 -1.72 27.39
CA GLY A 666 35.91 -2.00 28.28
C GLY A 666 35.00 -0.83 28.60
N GLY A 672 32.81 -4.42 36.40
CA GLY A 672 33.63 -4.09 37.56
C GLY A 672 33.06 -4.69 38.84
N GLU A 673 33.26 -3.99 39.95
CA GLU A 673 32.74 -4.44 41.24
C GLU A 673 31.22 -4.47 41.19
N SER A 674 30.65 -3.56 40.40
CA SER A 674 29.21 -3.39 40.23
C SER A 674 28.99 -2.42 39.08
N TYR A 675 27.84 -2.51 38.42
CA TYR A 675 27.50 -1.53 37.40
C TYR A 675 26.00 -1.37 37.20
N ALA A 676 25.59 -0.17 36.82
CA ALA A 676 24.19 0.13 36.55
C ALA A 676 23.93 0.18 35.06
N ILE A 677 22.66 0.04 34.69
CA ILE A 677 22.28 -0.06 33.28
C ILE A 677 21.00 0.73 33.01
N ASN A 678 21.01 1.50 31.93
CA ASN A 678 19.85 2.31 31.56
C ASN A 678 19.41 2.06 30.13
N ASP A 679 18.45 1.15 29.96
CA ASP A 679 17.90 0.89 28.63
C ASP A 679 16.83 1.92 28.29
N LEU A 680 17.14 2.75 27.30
CA LEU A 680 16.22 3.79 26.87
C LEU A 680 15.29 3.28 25.78
N GLY A 681 14.08 2.90 26.16
CA GLY A 681 13.14 2.32 25.23
C GLY A 681 12.14 3.30 24.66
N ALA A 682 11.22 2.80 23.85
CA ALA A 682 10.19 3.63 23.25
C ALA A 682 9.19 4.08 24.30
N GLY A 683 8.68 3.12 25.07
CA GLY A 683 7.70 3.41 26.10
C GLY A 683 8.31 3.80 27.42
N THR A 684 9.32 3.06 27.85
CA THR A 684 9.90 3.27 29.18
C THR A 684 11.43 3.32 29.17
N SER A 685 11.98 4.02 30.16
CA SER A 685 13.41 3.97 30.44
C SER A 685 13.64 3.14 31.69
N ASP A 686 14.30 1.99 31.53
CA ASP A 686 14.45 1.05 32.63
C ASP A 686 15.85 1.13 33.25
N ASN A 687 15.89 1.11 34.58
CA ASN A 687 17.14 1.14 35.31
C ASN A 687 17.37 -0.17 36.07
N ALA A 688 18.54 -0.78 35.85
CA ALA A 688 18.90 -1.99 36.56
C ALA A 688 20.22 -1.80 37.29
N PHE A 689 20.43 -2.56 38.36
CA PHE A 689 21.67 -2.49 39.11
C PHE A 689 22.27 -3.86 39.35
N PHE A 690 23.49 -4.06 38.90
CA PHE A 690 24.19 -5.32 39.08
C PHE A 690 25.39 -5.14 40.00
N GLU A 691 25.47 -5.95 41.05
CA GLU A 691 26.61 -5.94 41.95
C GLU A 691 27.23 -7.33 41.98
N ASP A 692 28.57 -7.38 41.89
CA ASP A 692 29.30 -8.63 41.74
C ASP A 692 28.80 -9.36 40.50
N GLY A 693 28.37 -8.58 39.51
CA GLY A 693 27.76 -9.10 38.31
C GLY A 693 26.27 -9.33 38.50
N GLU A 694 25.89 -9.70 39.71
CA GLU A 694 24.54 -10.17 39.99
C GLU A 694 23.50 -9.06 40.15
N LEU A 695 22.29 -9.31 39.65
CA LEU A 695 21.21 -8.32 39.65
C LEU A 695 20.66 -8.00 41.04
N ASN A 696 20.72 -6.72 41.40
CA ASN A 696 20.12 -6.21 42.62
C ASN A 696 18.65 -5.92 42.38
N LEU A 699 16.72 -2.54 43.68
CA LEU A 699 17.07 -1.18 43.30
C LEU A 699 16.75 -0.92 41.83
N SER A 700 16.23 -1.94 41.15
CA SER A 700 15.91 -1.83 39.73
C SER A 700 14.54 -1.19 39.51
N THR A 701 14.50 -0.16 38.68
CA THR A 701 13.25 0.54 38.39
C THR A 701 13.12 0.90 36.91
N ASN A 702 11.90 1.22 36.50
CA ASN A 702 11.66 1.74 35.17
C ASN A 702 10.72 2.94 35.18
N THR A 703 11.17 4.03 34.55
CA THR A 703 10.36 5.23 34.39
C THR A 703 9.73 5.20 33.01
N ASP A 704 8.58 5.84 32.84
CA ASP A 704 7.96 5.96 31.52
C ASP A 704 8.57 7.20 30.85
N LEU A 705 9.89 7.29 30.92
CA LEU A 705 10.64 8.37 30.29
C LEU A 705 11.12 7.89 28.93
N GLY A 706 10.17 7.37 28.14
CA GLY A 706 10.48 6.81 26.84
C GLY A 706 10.56 7.85 25.75
N THR A 707 11.03 7.43 24.59
CA THR A 707 11.19 8.33 23.45
C THR A 707 9.85 8.71 22.82
N ASN A 708 8.83 7.89 23.05
CA ASN A 708 7.54 8.04 22.39
C ASN A 708 6.89 9.41 22.58
N LYS A 709 6.83 9.90 23.81
CA LYS A 709 6.19 11.19 24.08
C LYS A 709 7.03 12.34 23.55
N TYR A 710 8.34 12.15 23.50
CA TYR A 710 9.24 13.18 22.97
C TYR A 710 9.13 13.26 21.45
N ILE A 711 9.04 12.10 20.80
CA ILE A 711 8.84 12.05 19.37
C ILE A 711 7.49 12.64 18.99
N ASP A 712 6.46 12.27 19.74
CA ASP A 712 5.10 12.69 19.45
C ASP A 712 4.92 14.20 19.49
N GLU A 713 5.68 14.88 20.34
CA GLU A 713 5.54 16.32 20.44
C GLU A 713 6.52 17.03 19.52
N ILE A 714 7.54 16.33 19.05
CA ILE A 714 8.34 16.80 17.93
C ILE A 714 7.46 16.82 16.69
N LEU A 715 6.83 15.67 16.42
CA LEU A 715 5.87 15.54 15.33
C LEU A 715 4.75 16.56 15.47
N LYS A 716 4.29 16.74 16.70
CA LYS A 716 3.25 17.71 17.01
C LYS A 716 3.71 19.12 16.63
N ASN A 717 4.96 19.44 16.95
CA ASN A 717 5.52 20.75 16.66
C ASN A 717 5.79 20.96 15.18
N ILE A 718 6.34 19.95 14.51
CA ILE A 718 6.62 20.03 13.09
C ILE A 718 5.34 20.30 12.30
N LYS A 719 4.30 19.54 12.61
CA LYS A 719 2.99 19.69 11.97
C LYS A 719 2.44 21.10 12.11
N GLU A 720 2.73 21.74 13.24
CA GLU A 720 2.18 23.06 13.55
C GLU A 720 3.02 24.20 12.97
N ARG A 721 4.24 23.88 12.56
CA ARG A 721 5.06 24.83 11.80
C ARG A 721 4.65 24.73 10.33
N PHE A 722 3.92 23.66 10.01
CA PHE A 722 3.43 23.43 8.66
C PHE A 722 2.02 23.99 8.46
N MET A 723 1.44 24.55 9.52
CA MET A 723 0.05 25.01 9.45
C MET A 723 -0.09 26.50 9.10
N GLU A 724 0.49 26.92 7.97
CA GLU A 724 0.29 28.28 7.49
C GLU A 724 0.48 28.43 5.98
N ASN A 725 -0.01 29.56 5.48
CA ASN A 725 0.08 29.98 4.08
C ASN A 725 -0.71 29.13 3.07
N GLU A 726 -0.85 27.84 3.32
CA GLU A 726 -1.63 27.01 2.41
C GLU A 726 -2.31 25.82 3.09
N ILE A 727 -1.70 25.30 4.14
CA ILE A 727 -2.22 24.10 4.80
C ILE A 727 -3.13 24.43 5.97
N ILE A 736 -3.85 17.20 5.55
CA ILE A 736 -5.13 17.04 6.24
C ILE A 736 -4.94 16.24 7.53
N GLU A 737 -3.78 15.60 7.68
CA GLU A 737 -3.49 14.84 8.87
C GLU A 737 -2.06 15.04 9.37
N SER A 738 -1.12 14.29 8.82
CA SER A 738 0.27 14.34 9.29
C SER A 738 1.24 13.88 8.21
N PRO A 739 2.37 14.58 8.08
CA PRO A 739 3.38 14.30 7.05
C PRO A 739 4.00 12.90 7.16
N PHE A 740 4.12 12.40 8.37
CA PHE A 740 4.65 11.06 8.60
C PHE A 740 3.53 10.13 9.06
N LYS A 741 3.51 8.92 8.52
CA LYS A 741 2.41 7.99 8.72
C LYS A 741 2.36 7.42 10.15
N THR A 742 3.52 7.03 10.66
CA THR A 742 3.63 6.49 12.01
C THR A 742 4.90 7.00 12.70
N ARG A 743 5.10 6.61 13.95
CA ARG A 743 6.30 7.01 14.69
C ARG A 743 7.56 6.45 14.05
N GLU A 744 7.47 5.20 13.61
CA GLU A 744 8.57 4.52 12.93
C GLU A 744 9.01 5.26 11.67
N ASP A 745 8.03 5.78 10.94
CA ASP A 745 8.26 6.46 9.67
C ASP A 745 9.14 7.70 9.87
N PHE A 746 8.88 8.43 10.94
CA PHE A 746 9.66 9.61 11.30
C PHE A 746 11.12 9.26 11.63
N ILE A 747 11.33 8.07 12.17
CA ILE A 747 12.67 7.63 12.57
C ILE A 747 13.46 7.05 11.41
N GLN A 748 12.85 6.08 10.71
CA GLN A 748 13.50 5.34 9.64
C GLN A 748 13.95 6.22 8.48
N ARG A 749 13.18 7.27 8.23
CA ARG A 749 13.38 8.09 7.04
C ARG A 749 14.03 9.43 7.31
N LEU A 750 13.58 10.11 8.35
CA LEU A 750 14.05 11.45 8.64
C LEU A 750 15.24 11.48 9.60
N VAL A 751 15.17 10.66 10.64
CA VAL A 751 16.10 10.75 11.76
C VAL A 751 17.35 9.90 11.61
N MET A 752 17.18 8.58 11.59
CA MET A 752 18.35 7.68 11.63
C MET A 752 19.32 7.78 10.44
N PRO A 753 18.90 8.38 9.31
CA PRO A 753 19.97 8.72 8.38
C PRO A 753 20.97 9.74 8.94
N GLU A 754 20.47 10.86 9.48
CA GLU A 754 21.33 11.91 10.01
C GLU A 754 22.20 11.42 11.17
N VAL A 755 21.63 10.55 12.00
CA VAL A 755 22.34 10.00 13.13
C VAL A 755 23.57 9.21 12.67
N GLU A 756 23.43 8.51 11.55
CA GLU A 756 24.53 7.74 10.99
C GLU A 756 25.66 8.64 10.51
N LYS A 757 25.32 9.76 9.90
CA LYS A 757 26.31 10.74 9.47
C LYS A 757 26.99 11.38 10.66
N MET A 758 26.26 11.45 11.77
CA MET A 758 26.77 12.05 13.00
C MET A 758 27.68 11.09 13.77
N ILE A 759 27.38 9.80 13.66
CA ILE A 759 28.19 8.77 14.31
C ILE A 759 29.52 8.64 13.59
N GLU A 760 29.46 8.61 12.26
CA GLU A 760 30.65 8.50 11.43
C GLU A 760 31.51 9.76 11.51
N ASP A 761 30.86 10.89 11.78
CA ASP A 761 31.56 12.18 11.82
C ASP A 761 31.05 13.05 12.97
N ASP A 762 31.95 13.38 13.89
CA ASP A 762 31.60 14.14 15.09
C ASP A 762 31.69 15.65 14.87
N THR A 763 32.02 16.05 13.65
CA THR A 763 32.08 17.48 13.31
C THR A 763 30.91 17.85 12.40
N TYR A 764 30.12 16.83 12.03
CA TYR A 764 29.04 17.01 11.07
C TYR A 764 27.79 17.62 11.67
N LYS A 765 27.27 18.66 11.03
CA LYS A 765 26.04 19.30 11.45
C LYS A 765 24.86 18.62 10.77
N PRO A 766 23.93 18.06 11.57
CA PRO A 766 22.78 17.39 10.96
C PRO A 766 21.80 18.39 10.34
N THR A 767 21.02 17.92 9.37
CA THR A 767 20.04 18.77 8.71
C THR A 767 18.72 18.02 8.50
N PHE A 768 17.76 18.27 9.38
CA PHE A 768 16.46 17.62 9.30
C PHE A 768 15.46 18.47 8.53
N SER A 769 15.11 18.01 7.32
CA SER A 769 14.14 18.72 6.49
C SER A 769 12.97 17.81 6.14
N VAL A 770 11.76 18.37 6.19
CA VAL A 770 10.55 17.60 5.92
C VAL A 770 9.78 18.13 4.72
N LYS A 771 9.41 17.22 3.82
CA LYS A 771 8.55 17.57 2.70
C LYS A 771 7.15 17.02 2.93
N TRP A 772 6.16 17.90 2.88
CA TRP A 772 4.77 17.50 3.05
C TRP A 772 3.94 18.02 1.88
N GLY A 773 3.58 17.12 0.97
CA GLY A 773 2.90 17.51 -0.25
C GLY A 773 3.82 18.36 -1.10
N PRO A 774 3.45 19.64 -1.26
CA PRO A 774 4.28 20.61 -2.00
C PRO A 774 5.15 21.49 -1.10
N VAL A 775 5.12 21.25 0.20
CA VAL A 775 5.80 22.14 1.14
C VAL A 775 7.10 21.54 1.69
N LYS A 776 8.20 22.26 1.50
CA LYS A 776 9.51 21.82 1.96
C LYS A 776 10.04 22.78 3.03
N GLU A 777 9.89 22.39 4.30
CA GLU A 777 10.33 23.24 5.40
C GLU A 777 11.46 22.61 6.21
N ASN A 778 12.40 23.45 6.65
CA ASN A 778 13.51 23.00 7.48
C ASN A 778 13.11 22.93 8.95
N VAL A 779 13.03 21.72 9.48
CA VAL A 779 12.61 21.52 10.88
C VAL A 779 13.78 21.10 11.75
N THR A 780 14.99 21.48 11.35
CA THR A 780 16.21 21.14 12.08
C THR A 780 16.12 21.56 13.55
N ASP A 781 15.53 22.72 13.79
CA ASP A 781 15.34 23.23 15.15
C ASP A 781 14.50 22.27 15.99
N ILE A 782 13.28 22.02 15.52
CA ILE A 782 12.30 21.21 16.25
C ILE A 782 12.81 19.80 16.59
N VAL A 783 13.54 19.19 15.66
CA VAL A 783 14.08 17.86 15.90
C VAL A 783 15.24 17.90 16.89
N MET A 784 16.13 18.86 16.72
CA MET A 784 17.30 19.00 17.60
C MET A 784 16.90 19.35 19.03
N ASP A 785 15.86 20.16 19.17
CA ASP A 785 15.37 20.56 20.48
C ASP A 785 14.81 19.38 21.25
N GLY A 786 13.98 18.58 20.58
CA GLY A 786 13.39 17.40 21.18
C GLY A 786 14.45 16.38 21.57
N MET A 787 15.48 16.26 20.73
CA MET A 787 16.60 15.37 21.01
C MET A 787 17.35 15.83 22.26
N LEU A 788 17.59 17.13 22.37
CA LEU A 788 18.40 17.69 23.44
C LEU A 788 17.67 17.69 24.78
N LYS A 789 16.37 17.98 24.77
CA LYS A 789 15.56 17.90 25.97
C LYS A 789 15.56 16.46 26.48
N TYR A 790 15.36 15.53 25.56
CA TYR A 790 15.42 14.10 25.87
C TYR A 790 16.77 13.72 26.43
N ALA A 791 17.82 14.32 25.88
CA ALA A 791 19.19 14.06 26.32
C ALA A 791 19.39 14.49 27.77
N GLU A 792 18.88 15.67 28.11
CA GLU A 792 19.01 16.20 29.46
C GLU A 792 18.16 15.41 30.45
N ASP A 793 16.92 15.13 30.05
CA ASP A 793 15.98 14.41 30.91
C ASP A 793 16.51 13.03 31.30
N GLN A 794 17.09 12.33 30.32
CA GLN A 794 17.72 11.05 30.61
C GLN A 794 18.90 11.26 31.55
N LYS A 795 19.73 12.26 31.23
CA LYS A 795 20.88 12.60 32.06
C LYS A 795 20.43 12.96 33.48
N ALA A 796 19.33 13.69 33.59
CA ALA A 796 18.75 14.02 34.88
C ALA A 796 18.38 12.74 35.63
N SER A 797 17.68 11.85 34.94
CA SER A 797 17.28 10.57 35.52
C SER A 797 18.50 9.67 35.78
N LEU A 798 19.40 9.63 34.80
CA LEU A 798 20.59 8.79 34.86
C LEU A 798 21.45 9.11 36.08
N ASP A 799 21.71 10.40 36.28
CA ASP A 799 22.57 10.84 37.38
C ASP A 799 21.96 10.49 38.74
N LYS A 800 20.64 10.53 38.82
CA LYS A 800 19.93 10.19 40.06
C LYS A 800 20.10 8.72 40.41
N PHE A 801 19.93 7.86 39.42
CA PHE A 801 20.04 6.41 39.65
C PHE A 801 21.49 6.02 39.95
N TRP A 802 22.45 6.79 39.45
CA TRP A 802 23.84 6.55 39.76
C TRP A 802 24.10 6.91 41.22
N ASP A 803 23.32 7.85 41.75
CA ASP A 803 23.54 8.30 43.12
C ASP A 803 23.04 7.32 44.16
N LYS A 804 21.91 6.68 43.90
CA LYS A 804 21.30 5.80 44.88
C LYS A 804 21.97 4.43 44.90
N THR A 805 22.44 3.97 43.74
CA THR A 805 23.12 2.68 43.66
C THR A 805 24.63 2.82 43.80
N ASN A 806 25.17 3.97 43.38
CA ASN A 806 26.62 4.20 43.35
C ASN A 806 27.38 3.06 42.68
N ALA A 807 27.01 2.78 41.45
CA ALA A 807 27.74 1.81 40.65
C ALA A 807 28.99 2.47 40.08
N ASP A 808 29.98 1.65 39.74
CA ASP A 808 31.23 2.15 39.18
C ASP A 808 31.00 2.63 37.76
N LYS A 809 30.11 1.92 37.08
CA LYS A 809 29.92 2.06 35.66
C LYS A 809 28.45 2.13 35.33
N ASN A 810 28.02 3.22 34.71
CA ASN A 810 26.73 3.19 34.05
C ASN A 810 26.90 2.97 32.57
N ILE A 811 26.17 1.98 32.07
CA ILE A 811 26.13 1.69 30.66
C ILE A 811 24.78 2.17 30.14
N VAL A 812 24.79 2.94 29.07
CA VAL A 812 23.55 3.42 28.48
C VAL A 812 23.29 2.69 27.18
N VAL A 813 22.18 1.96 27.12
CA VAL A 813 21.86 1.15 25.95
C VAL A 813 20.45 1.40 25.45
N GLY A 814 20.04 0.62 24.46
CA GLY A 814 18.72 0.75 23.89
C GLY A 814 18.71 1.68 22.69
N GLY A 815 17.53 1.91 22.13
CA GLY A 815 17.40 2.75 20.96
C GLY A 815 17.38 4.24 21.27
N GLY A 816 17.09 4.58 22.52
CA GLY A 816 17.08 5.97 22.95
C GLY A 816 18.45 6.60 22.85
N VAL A 817 19.48 5.76 22.87
CA VAL A 817 20.85 6.21 22.67
C VAL A 817 21.02 6.85 21.31
N LEU A 818 20.49 6.20 20.29
CA LEU A 818 20.60 6.67 18.91
C LEU A 818 19.72 7.88 18.65
N PHE A 819 18.57 7.94 19.31
CA PHE A 819 17.64 9.05 19.14
C PHE A 819 18.22 10.34 19.74
N GLY A 820 18.49 10.30 21.04
CA GLY A 820 19.03 11.45 21.72
C GLY A 820 20.55 11.52 21.64
N TYR A 821 21.10 10.92 20.58
CA TYR A 821 22.54 10.86 20.40
C TYR A 821 23.19 12.23 20.22
N ALA A 822 22.43 13.17 19.69
CA ALA A 822 22.92 14.53 19.45
C ALA A 822 23.45 15.16 20.74
N GLY A 823 22.76 14.89 21.84
CA GLY A 823 23.15 15.43 23.13
C GLY A 823 23.84 14.42 24.03
N LEU A 824 23.57 13.15 23.81
CA LEU A 824 24.13 12.09 24.65
C LEU A 824 25.59 11.78 24.30
N ARG A 825 26.04 12.28 23.15
CA ARG A 825 27.42 12.12 22.74
C ARG A 825 28.27 13.20 23.41
N ASP A 826 27.65 14.33 23.72
CA ASP A 826 28.33 15.44 24.37
C ASP A 826 28.28 15.33 25.89
N LEU A 827 27.14 14.87 26.42
CA LEU A 827 26.97 14.74 27.86
C LEU A 827 27.69 13.51 28.40
N LYS A 828 28.05 12.61 27.50
CA LYS A 828 28.78 11.39 27.85
C LYS A 828 30.14 11.71 28.46
N GLU A 829 30.74 12.80 28.02
CA GLU A 829 32.10 13.16 28.42
C GLU A 829 32.15 13.84 29.79
N GLN A 830 30.98 14.19 30.33
CA GLN A 830 30.92 14.94 31.59
C GLN A 830 30.41 14.09 32.75
N ASP A 831 29.24 13.48 32.56
CA ASP A 831 28.63 12.67 33.61
C ASP A 831 29.47 11.45 33.92
N GLY A 832 30.14 10.90 32.90
CA GLY A 832 31.14 9.87 33.11
C GLY A 832 30.71 8.44 32.82
N PHE A 833 29.63 8.28 32.05
CA PHE A 833 29.14 6.94 31.73
C PHE A 833 29.65 6.45 30.38
N ILE A 834 29.32 5.21 30.04
CA ILE A 834 29.83 4.57 28.83
C ILE A 834 28.74 4.18 27.85
N LEU A 835 28.88 4.61 26.60
CA LEU A 835 28.02 4.14 25.52
C LEU A 835 28.73 3.02 24.78
N PRO A 836 27.96 2.06 24.24
CA PRO A 836 28.59 0.96 23.51
C PRO A 836 28.99 1.34 22.08
N LYS A 837 30.12 0.82 21.63
CA LYS A 837 30.48 0.84 20.21
C LYS A 837 30.82 -0.60 19.81
N ASN A 838 30.21 -1.13 18.75
CA ASN A 838 29.35 -0.43 17.79
C ASN A 838 28.04 0.17 18.32
N ILE A 839 27.90 1.48 18.12
CA ILE A 839 26.81 2.25 18.69
C ILE A 839 25.58 2.25 17.79
N GLN A 840 25.77 1.91 16.52
CA GLN A 840 24.65 1.79 15.59
C GLN A 840 23.74 0.64 16.00
N GLU A 841 24.33 -0.36 16.64
CA GLU A 841 23.61 -1.54 17.09
C GLU A 841 23.23 -1.44 18.58
N SER A 842 23.10 -0.21 19.07
CA SER A 842 22.81 0.03 20.48
C SER A 842 21.44 -0.50 20.88
N ALA A 843 20.51 -0.53 19.93
CA ALA A 843 19.16 -0.99 20.20
C ALA A 843 19.13 -2.47 20.56
N TYR A 844 19.89 -3.27 19.82
CA TYR A 844 19.87 -4.72 19.97
C TYR A 844 20.82 -5.22 21.05
N PHE A 845 21.34 -4.28 21.84
CA PHE A 845 22.31 -4.60 22.90
C PHE A 845 21.81 -5.70 23.84
N THR A 846 20.53 -5.62 24.21
CA THR A 846 19.95 -6.62 25.10
C THR A 846 19.92 -7.98 24.42
N SER A 847 19.48 -8.00 23.16
CA SER A 847 19.40 -9.23 22.40
C SER A 847 20.80 -9.76 22.04
N ARG A 848 21.74 -8.85 21.86
CA ARG A 848 23.12 -9.22 21.56
C ARG A 848 23.76 -9.95 22.73
N SER A 849 23.55 -9.42 23.93
CA SER A 849 24.11 -10.01 25.15
C SER A 849 23.54 -11.40 25.40
N TYR A 850 22.28 -11.59 25.01
CA TYR A 850 21.61 -12.88 25.17
C TYR A 850 22.15 -13.89 24.17
N LEU A 851 22.57 -13.40 23.01
CA LEU A 851 23.16 -14.25 21.97
C LEU A 851 24.51 -14.79 22.43
N ILE A 852 25.34 -13.90 22.99
CA ILE A 852 26.64 -14.29 23.50
C ILE A 852 26.51 -15.31 24.61
N ALA A 853 25.57 -15.06 25.52
CA ALA A 853 25.29 -15.98 26.62
C ALA A 853 24.87 -17.34 26.08
N ASN A 854 24.14 -17.33 24.97
CA ASN A 854 23.73 -18.56 24.31
C ASN A 854 24.93 -19.27 23.70
N LEU A 855 25.78 -18.52 23.02
CA LEU A 855 26.98 -19.07 22.40
C LEU A 855 27.96 -19.61 23.45
N LEU A 856 28.17 -18.83 24.50
CA LEU A 856 29.03 -19.25 25.61
C LEU A 856 28.50 -20.53 26.24
N GLU A 857 27.18 -20.63 26.35
CA GLU A 857 26.51 -21.79 26.90
C GLU A 857 26.84 -23.06 26.12
N GLN A 858 26.73 -22.98 24.79
CA GLN A 858 26.95 -24.13 23.92
C GLN A 858 28.40 -24.59 23.94
N LEU A 859 29.30 -23.72 24.40
CA LEU A 859 30.72 -24.06 24.48
C LEU A 859 31.04 -24.72 25.82
N ASN A 860 29.99 -24.99 26.59
CA ASN A 860 30.11 -25.71 27.86
C ASN A 860 31.07 -25.04 28.85
MG MG B . -13.73 5.21 -14.43
PB ADP C . -16.68 6.79 -15.56
O1B ADP C . -15.96 6.47 -16.85
O2B ADP C . -15.78 6.78 -14.34
O3B ADP C . -17.99 6.07 -15.36
PA ADP C . -16.44 9.30 -16.82
O1A ADP C . -16.67 8.73 -18.21
O2A ADP C . -15.03 9.64 -16.37
O3A ADP C . -17.09 8.34 -15.71
O5' ADP C . -17.35 10.62 -16.67
C5' ADP C . -16.76 11.92 -16.69
C4' ADP C . -17.68 12.84 -17.46
O4' ADP C . -16.92 13.55 -18.45
C3' ADP C . -18.75 12.04 -18.19
O3' ADP C . -20.04 12.59 -17.89
C2' ADP C . -18.45 12.23 -19.66
O2' ADP C . -19.67 12.39 -20.40
C1' ADP C . -17.59 13.48 -19.72
N9 ADP C . -16.61 13.45 -20.83
C8 ADP C . -15.92 12.38 -21.27
N7 ADP C . -15.13 12.72 -22.32
C5 ADP C . -15.31 14.03 -22.56
C6 ADP C . -14.78 15.03 -23.53
N6 ADP C . -13.87 14.69 -24.47
N1 ADP C . -15.25 16.30 -23.42
C2 ADP C . -16.15 16.66 -22.49
N3 ADP C . -16.67 15.80 -21.60
C4 ADP C . -16.29 14.50 -21.58
MG MG D . 15.00 -1.67 24.10
PB ADP E . 11.81 -1.10 22.80
O1B ADP E . 13.06 -1.72 23.37
O2B ADP E . 10.94 -0.40 23.82
O3B ADP E . 11.04 -1.96 21.82
PA ADP E . 13.84 0.19 21.31
O1A ADP E . 14.04 -0.89 20.29
O2A ADP E . 14.80 0.30 22.47
O3A ADP E . 12.34 0.13 21.90
O5' ADP E . 13.81 1.61 20.57
C5' ADP E . 13.84 2.82 21.34
C4' ADP E . 13.67 4.01 20.42
O4' ADP E . 14.87 4.25 19.70
C3' ADP E . 12.55 3.80 19.41
O3' ADP E . 11.53 4.78 19.61
C2' ADP E . 13.19 4.01 18.05
O2' ADP E . 12.40 4.91 17.26
C1' ADP E . 14.55 4.60 18.35
N9 ADP E . 15.58 4.08 17.41
C8 ADP E . 15.80 2.79 17.10
N7 ADP E . 16.82 2.67 16.20
C5 ADP E . 17.26 3.91 15.92
C6 ADP E . 18.30 4.51 15.06
N6 ADP E . 19.10 3.73 14.29
N1 ADP E . 18.43 5.86 15.06
C2 ADP E . 17.65 6.64 15.82
N3 ADP E . 16.67 6.17 16.62
C4 ADP E . 16.44 4.84 16.72
#